data_3I35
# 
_entry.id   3I35 
# 
_audit_conform.dict_name       mmcif_pdbx.dic 
_audit_conform.dict_version    5.387 
_audit_conform.dict_location   http://mmcif.pdb.org/dictionaries/ascii/mmcif_pdbx.dic 
# 
loop_
_database_2.database_id 
_database_2.database_code 
_database_2.pdbx_database_accession 
_database_2.pdbx_DOI 
PDB   3I35         pdb_00003i35 10.2210/pdb3i35/pdb 
RCSB  RCSB053904   ?            ?                   
WWPDB D_1000053904 ?            ?                   
# 
loop_
_pdbx_audit_revision_history.ordinal 
_pdbx_audit_revision_history.data_content_type 
_pdbx_audit_revision_history.major_revision 
_pdbx_audit_revision_history.minor_revision 
_pdbx_audit_revision_history.revision_date 
1 'Structure model' 1 0 2009-09-08 
2 'Structure model' 1 1 2011-07-13 
3 'Structure model' 1 2 2018-01-24 
4 'Structure model' 1 3 2024-02-21 
# 
_pdbx_audit_revision_details.ordinal             1 
_pdbx_audit_revision_details.revision_ordinal    1 
_pdbx_audit_revision_details.data_content_type   'Structure model' 
_pdbx_audit_revision_details.provider            repository 
_pdbx_audit_revision_details.type                'Initial release' 
_pdbx_audit_revision_details.description         ? 
_pdbx_audit_revision_details.details             ? 
# 
loop_
_pdbx_audit_revision_group.ordinal 
_pdbx_audit_revision_group.revision_ordinal 
_pdbx_audit_revision_group.data_content_type 
_pdbx_audit_revision_group.group 
1 2 'Structure model' 'Refinement description'    
2 2 'Structure model' 'Version format compliance' 
3 3 'Structure model' 'Database references'       
4 3 'Structure model' 'Structure summary'         
5 4 'Structure model' 'Data collection'           
6 4 'Structure model' 'Database references'       
# 
loop_
_pdbx_audit_revision_category.ordinal 
_pdbx_audit_revision_category.revision_ordinal 
_pdbx_audit_revision_category.data_content_type 
_pdbx_audit_revision_category.category 
1 3 'Structure model' audit_author    
2 3 'Structure model' citation_author 
3 4 'Structure model' chem_comp_atom  
4 4 'Structure model' chem_comp_bond  
5 4 'Structure model' database_2      
# 
loop_
_pdbx_audit_revision_item.ordinal 
_pdbx_audit_revision_item.revision_ordinal 
_pdbx_audit_revision_item.data_content_type 
_pdbx_audit_revision_item.item 
1 3 'Structure model' '_audit_author.name'                  
2 3 'Structure model' '_citation_author.name'               
3 4 'Structure model' '_database_2.pdbx_DOI'                
4 4 'Structure model' '_database_2.pdbx_database_accession' 
# 
_pdbx_database_status.status_code                     REL 
_pdbx_database_status.entry_id                        3I35 
_pdbx_database_status.recvd_initial_deposition_date   2009-06-30 
_pdbx_database_status.deposit_site                    RCSB 
_pdbx_database_status.process_site                    RCSB 
_pdbx_database_status.status_code_sf                  REL 
_pdbx_database_status.status_code_mr                  ? 
_pdbx_database_status.SG_entry                        Y 
_pdbx_database_status.pdb_format_compatible           Y 
_pdbx_database_status.status_code_cs                  ? 
_pdbx_database_status.methods_development_category    ? 
_pdbx_database_status.status_code_nmr_data            ? 
# 
loop_
_audit_author.name 
_audit_author.pdbx_ordinal 
'Siponen, M.I.'                        1  
'Roos, A.K.'                           2  
'Arrowsmith, C.H.'                     3  
'Berglund, H.'                         4  
'Bountra, C.'                          5  
'Collins, R.'                          6  
'Edwards, A.M.'                        7  
'Flodin, S.'                           8  
'Flores, A.'                           9  
'Graslund, S.'                         10 
'Hammarstrom, M.'                      11 
'Johansson, A.'                        12 
'Johansson, I.'                        13 
'Karlberg, T.'                         14 
'Kotenyova, T.'                        15 
'Kotzsch, A.'                          16 
'Kragh Nielsen, T.'                    17 
'Moche, M.'                            18 
'Nyman, T.'                            19 
'Persson, C.'                          20 
'Sagemark, J.'                         21 
'Schueler, H.'                         22 
'Schutz, P.'                           23 
'Thorsell, A.G.'                       24 
'Tresaugues, L.'                       25 
'Van Den Berg, S.'                     26 
'Weigelt, J.'                          27 
'Welin, M.'                            28 
'Wisniewska, M.'                       29 
'Nordlund, P.'                         30 
'Structural Genomics Consortium (SGC)' 31 
# 
_citation.id                        primary 
_citation.title                     'Human SH3 domain of protein LASP1' 
_citation.journal_abbrev            'TO BE PUBLISHED' 
_citation.journal_volume            ? 
_citation.page_first                ? 
_citation.page_last                 ? 
_citation.year                      ? 
_citation.journal_id_ASTM           ? 
_citation.country                   ? 
_citation.journal_id_ISSN           ? 
_citation.journal_id_CSD            0353 
_citation.book_publisher            ? 
_citation.pdbx_database_id_PubMed   ? 
_citation.pdbx_database_id_DOI      ? 
# 
loop_
_citation_author.citation_id 
_citation_author.name 
_citation_author.ordinal 
_citation_author.identifier_ORCID 
primary 'Siponen, M.I.'     1  ? 
primary 'Roos, A.K.'        2  ? 
primary 'Arrowsmith, C.H.'  3  ? 
primary 'Berglund, H.'      4  ? 
primary 'Bountra, C.'       5  ? 
primary 'Collins, R.'       6  ? 
primary 'Edwards, A.M.'     7  ? 
primary 'Flodin, S.'        8  ? 
primary 'Flores, A.'        9  ? 
primary 'Graslund, S.'      10 ? 
primary 'Hammarstrom, M.'   11 ? 
primary 'Johansson, A.'     12 ? 
primary 'Johansson, I.'     13 ? 
primary 'Karlberg, T.'      14 ? 
primary 'Kotenyova, T.'     15 ? 
primary 'Kotzsch, A.'       16 ? 
primary 'Kragh Nielsen, T.' 17 ? 
primary 'Moche, M.'         18 ? 
primary 'Nyman, T.'         19 ? 
primary 'Persson, C.'       20 ? 
primary 'Sagemark, J.'      21 ? 
primary 'Schueler, H.'      22 ? 
primary 'Schutz, P.'        23 ? 
primary 'Thorsell, A.G.'    24 ? 
primary 'Tresaugues, L.'    25 ? 
primary 'Van Den Berg, S.'  26 ? 
primary 'Weigelt, J.'       27 ? 
primary 'Welin, M.'         28 ? 
primary 'Wisniewska, M.'    29 ? 
primary 'Nordlund, P.'      30 ? 
# 
loop_
_entity.id 
_entity.type 
_entity.src_method 
_entity.pdbx_description 
_entity.formula_weight 
_entity.pdbx_number_of_molecules 
_entity.pdbx_ec 
_entity.pdbx_mutation 
_entity.pdbx_fragment 
_entity.details 
1 polymer man 'LIM and SH3 domain protein 1' 6615.074 1  ? ? 'SH3 domain' ? 
2 water   nat water                          18.015   36 ? ? ?            ? 
# 
_entity_name_com.entity_id   1 
_entity_name_com.name        'LASP-1, MLN 50' 
# 
_entity_poly.entity_id                      1 
_entity_poly.type                           'polypeptide(L)' 
_entity_poly.nstd_linkage                   no 
_entity_poly.nstd_monomer                   no 
_entity_poly.pdbx_seq_one_letter_code       GGGKRYRAVYDYSAADEDEVSFQDGDTIVNVQQIDDGWMYGTVERTGDTGMLPANYVEAI 
_entity_poly.pdbx_seq_one_letter_code_can   GGGKRYRAVYDYSAADEDEVSFQDGDTIVNVQQIDDGWMYGTVERTGDTGMLPANYVEAI 
_entity_poly.pdbx_strand_id                 A 
_entity_poly.pdbx_target_identifier         ? 
# 
_pdbx_entity_nonpoly.entity_id   2 
_pdbx_entity_nonpoly.name        water 
_pdbx_entity_nonpoly.comp_id     HOH 
# 
loop_
_entity_poly_seq.entity_id 
_entity_poly_seq.num 
_entity_poly_seq.mon_id 
_entity_poly_seq.hetero 
1 1  GLY n 
1 2  GLY n 
1 3  GLY n 
1 4  LYS n 
1 5  ARG n 
1 6  TYR n 
1 7  ARG n 
1 8  ALA n 
1 9  VAL n 
1 10 TYR n 
1 11 ASP n 
1 12 TYR n 
1 13 SER n 
1 14 ALA n 
1 15 ALA n 
1 16 ASP n 
1 17 GLU n 
1 18 ASP n 
1 19 GLU n 
1 20 VAL n 
1 21 SER n 
1 22 PHE n 
1 23 GLN n 
1 24 ASP n 
1 25 GLY n 
1 26 ASP n 
1 27 THR n 
1 28 ILE n 
1 29 VAL n 
1 30 ASN n 
1 31 VAL n 
1 32 GLN n 
1 33 GLN n 
1 34 ILE n 
1 35 ASP n 
1 36 ASP n 
1 37 GLY n 
1 38 TRP n 
1 39 MET n 
1 40 TYR n 
1 41 GLY n 
1 42 THR n 
1 43 VAL n 
1 44 GLU n 
1 45 ARG n 
1 46 THR n 
1 47 GLY n 
1 48 ASP n 
1 49 THR n 
1 50 GLY n 
1 51 MET n 
1 52 LEU n 
1 53 PRO n 
1 54 ALA n 
1 55 ASN n 
1 56 TYR n 
1 57 VAL n 
1 58 GLU n 
1 59 ALA n 
1 60 ILE n 
# 
_entity_src_gen.entity_id                          1 
_entity_src_gen.pdbx_src_id                        1 
_entity_src_gen.pdbx_alt_source_flag               sample 
_entity_src_gen.pdbx_seq_type                      ? 
_entity_src_gen.pdbx_beg_seq_num                   ? 
_entity_src_gen.pdbx_end_seq_num                   ? 
_entity_src_gen.gene_src_common_name               human 
_entity_src_gen.gene_src_genus                     ? 
_entity_src_gen.pdbx_gene_src_gene                 'LASP1, MLN50' 
_entity_src_gen.gene_src_species                   ? 
_entity_src_gen.gene_src_strain                    ? 
_entity_src_gen.gene_src_tissue                    ? 
_entity_src_gen.gene_src_tissue_fraction           ? 
_entity_src_gen.gene_src_details                   ? 
_entity_src_gen.pdbx_gene_src_fragment             ? 
_entity_src_gen.pdbx_gene_src_scientific_name      'Homo sapiens' 
_entity_src_gen.pdbx_gene_src_ncbi_taxonomy_id     9606 
_entity_src_gen.pdbx_gene_src_variant              ? 
_entity_src_gen.pdbx_gene_src_cell_line            ? 
_entity_src_gen.pdbx_gene_src_atcc                 ? 
_entity_src_gen.pdbx_gene_src_organ                ? 
_entity_src_gen.pdbx_gene_src_organelle            ? 
_entity_src_gen.pdbx_gene_src_cell                 ? 
_entity_src_gen.pdbx_gene_src_cellular_location    ? 
_entity_src_gen.host_org_common_name               ? 
_entity_src_gen.pdbx_host_org_scientific_name      'Escherichia coli' 
_entity_src_gen.pdbx_host_org_ncbi_taxonomy_id     562 
_entity_src_gen.host_org_genus                     ? 
_entity_src_gen.pdbx_host_org_gene                 ? 
_entity_src_gen.pdbx_host_org_organ                ? 
_entity_src_gen.host_org_species                   ? 
_entity_src_gen.pdbx_host_org_tissue               ? 
_entity_src_gen.pdbx_host_org_tissue_fraction      ? 
_entity_src_gen.pdbx_host_org_strain               'BL21(DE3)R3 pRARE' 
_entity_src_gen.pdbx_host_org_variant              ? 
_entity_src_gen.pdbx_host_org_cell_line            ? 
_entity_src_gen.pdbx_host_org_atcc                 ? 
_entity_src_gen.pdbx_host_org_culture_collection   ? 
_entity_src_gen.pdbx_host_org_cell                 ? 
_entity_src_gen.pdbx_host_org_organelle            ? 
_entity_src_gen.pdbx_host_org_cellular_location    ? 
_entity_src_gen.pdbx_host_org_vector_type          pNIC-BSA4 
_entity_src_gen.pdbx_host_org_vector               ? 
_entity_src_gen.host_org_details                   ? 
_entity_src_gen.expression_system_id               ? 
_entity_src_gen.plasmid_name                       ? 
_entity_src_gen.plasmid_details                    ? 
_entity_src_gen.pdbx_description                   ? 
# 
loop_
_chem_comp.id 
_chem_comp.type 
_chem_comp.mon_nstd_flag 
_chem_comp.name 
_chem_comp.pdbx_synonyms 
_chem_comp.formula 
_chem_comp.formula_weight 
ALA 'L-peptide linking' y ALANINE         ? 'C3 H7 N O2'     89.093  
ARG 'L-peptide linking' y ARGININE        ? 'C6 H15 N4 O2 1' 175.209 
ASN 'L-peptide linking' y ASPARAGINE      ? 'C4 H8 N2 O3'    132.118 
ASP 'L-peptide linking' y 'ASPARTIC ACID' ? 'C4 H7 N O4'     133.103 
GLN 'L-peptide linking' y GLUTAMINE       ? 'C5 H10 N2 O3'   146.144 
GLU 'L-peptide linking' y 'GLUTAMIC ACID' ? 'C5 H9 N O4'     147.129 
GLY 'peptide linking'   y GLYCINE         ? 'C2 H5 N O2'     75.067  
HOH non-polymer         . WATER           ? 'H2 O'           18.015  
ILE 'L-peptide linking' y ISOLEUCINE      ? 'C6 H13 N O2'    131.173 
LEU 'L-peptide linking' y LEUCINE         ? 'C6 H13 N O2'    131.173 
LYS 'L-peptide linking' y LYSINE          ? 'C6 H15 N2 O2 1' 147.195 
MET 'L-peptide linking' y METHIONINE      ? 'C5 H11 N O2 S'  149.211 
PHE 'L-peptide linking' y PHENYLALANINE   ? 'C9 H11 N O2'    165.189 
PRO 'L-peptide linking' y PROLINE         ? 'C5 H9 N O2'     115.130 
SER 'L-peptide linking' y SERINE          ? 'C3 H7 N O3'     105.093 
THR 'L-peptide linking' y THREONINE       ? 'C4 H9 N O3'     119.119 
TRP 'L-peptide linking' y TRYPTOPHAN      ? 'C11 H12 N2 O2'  204.225 
TYR 'L-peptide linking' y TYROSINE        ? 'C9 H11 N O3'    181.189 
VAL 'L-peptide linking' y VALINE          ? 'C5 H11 N O2'    117.146 
# 
loop_
_pdbx_poly_seq_scheme.asym_id 
_pdbx_poly_seq_scheme.entity_id 
_pdbx_poly_seq_scheme.seq_id 
_pdbx_poly_seq_scheme.mon_id 
_pdbx_poly_seq_scheme.ndb_seq_num 
_pdbx_poly_seq_scheme.pdb_seq_num 
_pdbx_poly_seq_scheme.auth_seq_num 
_pdbx_poly_seq_scheme.pdb_mon_id 
_pdbx_poly_seq_scheme.auth_mon_id 
_pdbx_poly_seq_scheme.pdb_strand_id 
_pdbx_poly_seq_scheme.pdb_ins_code 
_pdbx_poly_seq_scheme.hetero 
A 1 1  GLY 1  202 ?   ?   ?   A . n 
A 1 2  GLY 2  203 ?   ?   ?   A . n 
A 1 3  GLY 3  204 ?   ?   ?   A . n 
A 1 4  LYS 4  205 205 LYS LYS A . n 
A 1 5  ARG 5  206 206 ARG ARG A . n 
A 1 6  TYR 6  207 207 TYR TYR A . n 
A 1 7  ARG 7  208 208 ARG ARG A . n 
A 1 8  ALA 8  209 209 ALA ALA A . n 
A 1 9  VAL 9  210 210 VAL VAL A . n 
A 1 10 TYR 10 211 211 TYR TYR A . n 
A 1 11 ASP 11 212 212 ASP ASP A . n 
A 1 12 TYR 12 213 213 TYR TYR A . n 
A 1 13 SER 13 214 214 SER SER A . n 
A 1 14 ALA 14 215 215 ALA ALA A . n 
A 1 15 ALA 15 216 216 ALA ALA A . n 
A 1 16 ASP 16 217 217 ASP ASP A . n 
A 1 17 GLU 17 218 218 GLU GLU A . n 
A 1 18 ASP 18 219 219 ASP ASP A . n 
A 1 19 GLU 19 220 220 GLU GLU A . n 
A 1 20 VAL 20 221 221 VAL VAL A . n 
A 1 21 SER 21 222 222 SER SER A . n 
A 1 22 PHE 22 223 223 PHE PHE A . n 
A 1 23 GLN 23 224 224 GLN GLN A . n 
A 1 24 ASP 24 225 225 ASP ASP A . n 
A 1 25 GLY 25 226 226 GLY GLY A . n 
A 1 26 ASP 26 227 227 ASP ASP A . n 
A 1 27 THR 27 228 228 THR THR A . n 
A 1 28 ILE 28 229 229 ILE ILE A . n 
A 1 29 VAL 29 230 230 VAL VAL A . n 
A 1 30 ASN 30 231 231 ASN ASN A . n 
A 1 31 VAL 31 232 232 VAL VAL A . n 
A 1 32 GLN 32 233 233 GLN GLN A . n 
A 1 33 GLN 33 234 234 GLN GLN A . n 
A 1 34 ILE 34 235 235 ILE ILE A . n 
A 1 35 ASP 35 236 236 ASP ASP A . n 
A 1 36 ASP 36 237 237 ASP ASP A . n 
A 1 37 GLY 37 238 238 GLY GLY A . n 
A 1 38 TRP 38 239 239 TRP TRP A . n 
A 1 39 MET 39 240 240 MET MET A . n 
A 1 40 TYR 40 241 241 TYR TYR A . n 
A 1 41 GLY 41 242 242 GLY GLY A . n 
A 1 42 THR 42 243 243 THR THR A . n 
A 1 43 VAL 43 244 244 VAL VAL A . n 
A 1 44 GLU 44 245 245 GLU GLU A . n 
A 1 45 ARG 45 246 246 ARG ARG A . n 
A 1 46 THR 46 247 247 THR THR A . n 
A 1 47 GLY 47 248 248 GLY GLY A . n 
A 1 48 ASP 48 249 249 ASP ASP A . n 
A 1 49 THR 49 250 250 THR THR A . n 
A 1 50 GLY 50 251 251 GLY GLY A . n 
A 1 51 MET 51 252 252 MET MET A . n 
A 1 52 LEU 52 253 253 LEU LEU A . n 
A 1 53 PRO 53 254 254 PRO PRO A . n 
A 1 54 ALA 54 255 255 ALA ALA A . n 
A 1 55 ASN 55 256 256 ASN ASN A . n 
A 1 56 TYR 56 257 257 TYR TYR A . n 
A 1 57 VAL 57 258 258 VAL VAL A . n 
A 1 58 GLU 58 259 259 GLU GLU A . n 
A 1 59 ALA 59 260 260 ALA ALA A . n 
A 1 60 ILE 60 261 261 ILE ILE A . n 
# 
loop_
_pdbx_nonpoly_scheme.asym_id 
_pdbx_nonpoly_scheme.entity_id 
_pdbx_nonpoly_scheme.mon_id 
_pdbx_nonpoly_scheme.ndb_seq_num 
_pdbx_nonpoly_scheme.pdb_seq_num 
_pdbx_nonpoly_scheme.auth_seq_num 
_pdbx_nonpoly_scheme.pdb_mon_id 
_pdbx_nonpoly_scheme.auth_mon_id 
_pdbx_nonpoly_scheme.pdb_strand_id 
_pdbx_nonpoly_scheme.pdb_ins_code 
B 2 HOH 1  1  1  HOH HOH A . 
B 2 HOH 2  2  2  HOH HOH A . 
B 2 HOH 3  3  3  HOH HOH A . 
B 2 HOH 4  4  4  HOH HOH A . 
B 2 HOH 5  5  5  HOH HOH A . 
B 2 HOH 6  6  6  HOH HOH A . 
B 2 HOH 7  8  8  HOH HOH A . 
B 2 HOH 8  10 10 HOH HOH A . 
B 2 HOH 9  11 11 HOH HOH A . 
B 2 HOH 10 12 12 HOH HOH A . 
B 2 HOH 11 14 14 HOH HOH A . 
B 2 HOH 12 15 15 HOH HOH A . 
B 2 HOH 13 16 16 HOH HOH A . 
B 2 HOH 14 17 17 HOH HOH A . 
B 2 HOH 15 21 21 HOH HOH A . 
B 2 HOH 16 22 22 HOH HOH A . 
B 2 HOH 17 23 23 HOH HOH A . 
B 2 HOH 18 24 24 HOH HOH A . 
B 2 HOH 19 27 27 HOH HOH A . 
B 2 HOH 20 28 28 HOH HOH A . 
B 2 HOH 21 29 29 HOH HOH A . 
B 2 HOH 22 31 31 HOH HOH A . 
B 2 HOH 23 32 32 HOH HOH A . 
B 2 HOH 24 34 34 HOH HOH A . 
B 2 HOH 25 35 35 HOH HOH A . 
B 2 HOH 26 37 37 HOH HOH A . 
B 2 HOH 27 41 41 HOH HOH A . 
B 2 HOH 28 42 42 HOH HOH A . 
B 2 HOH 29 48 48 HOH HOH A . 
B 2 HOH 30 52 52 HOH HOH A . 
B 2 HOH 31 53 53 HOH HOH A . 
B 2 HOH 32 54 54 HOH HOH A . 
B 2 HOH 33 55 55 HOH HOH A . 
B 2 HOH 34 56 56 HOH HOH A . 
B 2 HOH 35 57 57 HOH HOH A . 
B 2 HOH 36 58 58 HOH HOH A . 
# 
loop_
_pdbx_unobs_or_zero_occ_atoms.id 
_pdbx_unobs_or_zero_occ_atoms.PDB_model_num 
_pdbx_unobs_or_zero_occ_atoms.polymer_flag 
_pdbx_unobs_or_zero_occ_atoms.occupancy_flag 
_pdbx_unobs_or_zero_occ_atoms.auth_asym_id 
_pdbx_unobs_or_zero_occ_atoms.auth_comp_id 
_pdbx_unobs_or_zero_occ_atoms.auth_seq_id 
_pdbx_unobs_or_zero_occ_atoms.PDB_ins_code 
_pdbx_unobs_or_zero_occ_atoms.auth_atom_id 
_pdbx_unobs_or_zero_occ_atoms.label_alt_id 
_pdbx_unobs_or_zero_occ_atoms.label_asym_id 
_pdbx_unobs_or_zero_occ_atoms.label_comp_id 
_pdbx_unobs_or_zero_occ_atoms.label_seq_id 
_pdbx_unobs_or_zero_occ_atoms.label_atom_id 
1 1 Y 1 A LYS 205 ? CG  ? A LYS 4  CG  
2 1 Y 1 A LYS 205 ? CD  ? A LYS 4  CD  
3 1 Y 1 A LYS 205 ? CE  ? A LYS 4  CE  
4 1 Y 1 A LYS 205 ? NZ  ? A LYS 4  NZ  
5 1 Y 1 A GLU 218 ? CD  ? A GLU 17 CD  
6 1 Y 1 A GLU 218 ? OE1 ? A GLU 17 OE1 
7 1 Y 1 A GLU 218 ? OE2 ? A GLU 17 OE2 
# 
loop_
_software.name 
_software.classification 
_software.version 
_software.citation_id 
_software.pdbx_ordinal 
RAYONICS 'data collection' MX-225   ? 1 
MOLREP   phasing           .        ? 2 
REFMAC   refinement        5.2.0019 ? 3 
XDS      'data reduction'  .        ? 4 
XSCALE   'data scaling'    .        ? 5 
# 
_cell.entry_id           3I35 
_cell.length_a           25.348 
_cell.length_b           23.235 
_cell.length_c           44.716 
_cell.angle_alpha        90.00 
_cell.angle_beta         92.47 
_cell.angle_gamma        90.00 
_cell.Z_PDB              2 
_cell.pdbx_unique_axis   ? 
_cell.length_a_esd       ? 
_cell.length_b_esd       ? 
_cell.length_c_esd       ? 
_cell.angle_alpha_esd    ? 
_cell.angle_beta_esd     ? 
_cell.angle_gamma_esd    ? 
# 
_symmetry.entry_id                         3I35 
_symmetry.space_group_name_H-M             'P 1 2 1' 
_symmetry.pdbx_full_space_group_name_H-M   ? 
_symmetry.cell_setting                     ? 
_symmetry.Int_Tables_number                3 
_symmetry.space_group_name_Hall            ? 
# 
_exptl.entry_id          3I35 
_exptl.method            'X-RAY DIFFRACTION' 
_exptl.crystals_number   1 
# 
_exptl_crystal.id                    1 
_exptl_crystal.density_meas          ? 
_exptl_crystal.density_Matthews      1.99 
_exptl_crystal.density_percent_sol   38.15 
_exptl_crystal.description           ? 
_exptl_crystal.F_000                 ? 
_exptl_crystal.preparation           ? 
# 
_exptl_crystal_grow.crystal_id      1 
_exptl_crystal_grow.method          'VAPOR DIFFUSION, SITTING DROP' 
_exptl_crystal_grow.temp            293 
_exptl_crystal_grow.temp_details    ? 
_exptl_crystal_grow.pH              6.5 
_exptl_crystal_grow.pdbx_details    '1.6M tri-Na citrate dihydrate, pH 6.5, VAPOR DIFFUSION, SITTING DROP, temperature 293K' 
_exptl_crystal_grow.pdbx_pH_range   ? 
# 
_diffrn.id                     1 
_diffrn.ambient_temp           100 
_diffrn.ambient_temp_details   ? 
_diffrn.crystal_id             1 
# 
_diffrn_detector.diffrn_id              1 
_diffrn_detector.detector               CCD 
_diffrn_detector.type                   'RAYONIX MX-225' 
_diffrn_detector.pdbx_collection_date   2009-05-07 
_diffrn_detector.details                mirrors 
# 
_diffrn_radiation.diffrn_id                        1 
_diffrn_radiation.wavelength_id                    1 
_diffrn_radiation.pdbx_monochromatic_or_laue_m_l   M 
_diffrn_radiation.monochromator                    'Si-111 crystal' 
_diffrn_radiation.pdbx_diffrn_protocol             'SINGLE WAVELENGTH' 
_diffrn_radiation.pdbx_scattering_type             x-ray 
# 
_diffrn_radiation_wavelength.id           1 
_diffrn_radiation_wavelength.wavelength   0.97780 
_diffrn_radiation_wavelength.wt           1.0 
# 
_diffrn_source.diffrn_id                   1 
_diffrn_source.source                      SYNCHROTRON 
_diffrn_source.type                        'BESSY BEAMLINE 14.1' 
_diffrn_source.pdbx_synchrotron_site       BESSY 
_diffrn_source.pdbx_synchrotron_beamline   14.1 
_diffrn_source.pdbx_wavelength             ? 
_diffrn_source.pdbx_wavelength_list        0.97780 
# 
_reflns.entry_id                     3I35 
_reflns.observed_criterion_sigma_I   5.3 
_reflns.observed_criterion_sigma_F   5.4 
_reflns.d_resolution_low             40.5 
_reflns.d_resolution_high            1.40 
_reflns.number_obs                   11077 
_reflns.number_all                   ? 
_reflns.percent_possible_obs         27.0 
_reflns.pdbx_Rmerge_I_obs            0.063 
_reflns.pdbx_Rsym_value              0.063 
_reflns.pdbx_netI_over_sigmaI        14.7 
_reflns.B_iso_Wilson_estimate        ? 
_reflns.pdbx_redundancy              ? 
_reflns.R_free_details               ? 
_reflns.limit_h_max                  ? 
_reflns.limit_h_min                  ? 
_reflns.limit_k_max                  ? 
_reflns.limit_k_min                  ? 
_reflns.limit_l_max                  ? 
_reflns.limit_l_min                  ? 
_reflns.observed_criterion_F_max     ? 
_reflns.observed_criterion_F_min     ? 
_reflns.pdbx_chi_squared             ? 
_reflns.pdbx_scaling_rejects         ? 
_reflns.pdbx_ordinal                 1 
_reflns.pdbx_diffrn_id               1 
# 
_reflns_shell.d_res_high             1.40 
_reflns_shell.d_res_low              ? 
_reflns_shell.percent_possible_all   39.0 
_reflns_shell.Rmerge_I_obs           0.505 
_reflns_shell.pdbx_Rsym_value        0.505 
_reflns_shell.meanI_over_sigI_obs    ? 
_reflns_shell.pdbx_redundancy        ? 
_reflns_shell.percent_possible_obs   ? 
_reflns_shell.number_unique_all      742 
_reflns_shell.number_measured_all    ? 
_reflns_shell.number_measured_obs    ? 
_reflns_shell.number_unique_obs      ? 
_reflns_shell.pdbx_chi_squared       ? 
_reflns_shell.pdbx_ordinal           1 
_reflns_shell.pdbx_diffrn_id         1 
# 
_refine.entry_id                                 3I35 
_refine.ls_number_reflns_obs                     9922 
_refine.ls_number_reflns_all                     ? 
_refine.pdbx_ls_sigma_I                          ? 
_refine.pdbx_ls_sigma_F                          ? 
_refine.pdbx_data_cutoff_high_absF               ? 
_refine.pdbx_data_cutoff_low_absF                ? 
_refine.pdbx_data_cutoff_high_rms_absF           ? 
_refine.ls_d_res_low                             23.24 
_refine.ls_d_res_high                            1.40 
_refine.ls_percent_reflns_obs                    100.00 
_refine.ls_R_factor_obs                          0.20328 
_refine.ls_R_factor_all                          0.20328 
_refine.ls_R_factor_R_work                       0.20222 
_refine.ls_R_factor_R_free                       0.22243 
_refine.ls_R_factor_R_free_error                 ? 
_refine.ls_R_factor_R_free_error_details         ? 
_refine.ls_percent_reflns_R_free                 5.0 
_refine.ls_number_reflns_R_free                  523 
_refine.ls_number_parameters                     ? 
_refine.ls_number_restraints                     ? 
_refine.occupancy_min                            ? 
_refine.occupancy_max                            ? 
_refine.correlation_coeff_Fo_to_Fc               0.956 
_refine.correlation_coeff_Fo_to_Fc_free          0.944 
_refine.B_iso_mean                               12.000 
_refine.aniso_B[1][1]                            0.07 
_refine.aniso_B[2][2]                            -0.29 
_refine.aniso_B[3][3]                            0.22 
_refine.aniso_B[1][2]                            0.00 
_refine.aniso_B[1][3]                            0.00 
_refine.aniso_B[2][3]                            0.00 
_refine.solvent_model_details                    MASK 
_refine.solvent_model_param_ksol                 ? 
_refine.solvent_model_param_bsol                 ? 
_refine.pdbx_solvent_vdw_probe_radii             1.20 
_refine.pdbx_solvent_ion_probe_radii             0.80 
_refine.pdbx_solvent_shrinkage_radii             0.80 
_refine.pdbx_ls_cross_valid_method               THROUGHOUT 
_refine.details                                  'HYDROGENS HAVE BEEN ADDED IN THE RIDING POSITIONS' 
_refine.pdbx_starting_model                      ? 
_refine.pdbx_method_to_determine_struct          'MOLECULAR REPLACEMENT' 
_refine.pdbx_isotropic_thermal_model             ? 
_refine.pdbx_stereochemistry_target_values       'MAXIMUM LIKELIHOOD' 
_refine.pdbx_stereochem_target_val_spec_case     ? 
_refine.pdbx_R_Free_selection_details            RANDOM 
_refine.pdbx_overall_ESU_R                       0.073 
_refine.pdbx_overall_ESU_R_Free                  0.071 
_refine.overall_SU_ML                            0.050 
_refine.overall_SU_B                             2.548 
_refine.ls_redundancy_reflns_obs                 ? 
_refine.B_iso_min                                ? 
_refine.B_iso_max                                ? 
_refine.overall_SU_R_Cruickshank_DPI             ? 
_refine.overall_SU_R_free                        ? 
_refine.ls_wR_factor_R_free                      ? 
_refine.ls_wR_factor_R_work                      ? 
_refine.overall_FOM_free_R_set                   ? 
_refine.overall_FOM_work_R_set                   ? 
_refine.pdbx_overall_phase_error                 ? 
_refine.pdbx_refine_id                           'X-RAY DIFFRACTION' 
_refine.pdbx_diffrn_id                           1 
_refine.pdbx_TLS_residual_ADP_flag               ? 
_refine.pdbx_overall_SU_R_free_Cruickshank_DPI   ? 
_refine.pdbx_overall_SU_R_Blow_DPI               ? 
_refine.pdbx_overall_SU_R_free_Blow_DPI          ? 
# 
_refine_analyze.entry_id                        3I35 
_refine_analyze.Luzzati_coordinate_error_obs    ? 
_refine_analyze.Luzzati_sigma_a_obs             ? 
_refine_analyze.Luzzati_d_res_low_obs           ? 
_refine_analyze.Luzzati_coordinate_error_free   0.071 
_refine_analyze.Luzzati_sigma_a_free            ? 
_refine_analyze.Luzzati_d_res_low_free          ? 
_refine_analyze.number_disordered_residues      ? 
_refine_analyze.occupancy_sum_hydrogen          ? 
_refine_analyze.occupancy_sum_non_hydrogen      ? 
_refine_analyze.pdbx_Luzzati_d_res_high_obs     ? 
_refine_analyze.pdbx_refine_id                  'X-RAY DIFFRACTION' 
# 
_refine_hist.pdbx_refine_id                   'X-RAY DIFFRACTION' 
_refine_hist.cycle_id                         LAST 
_refine_hist.pdbx_number_atoms_protein        446 
_refine_hist.pdbx_number_atoms_nucleic_acid   0 
_refine_hist.pdbx_number_atoms_ligand         0 
_refine_hist.number_atoms_solvent             36 
_refine_hist.number_atoms_total               482 
_refine_hist.d_res_high                       1.40 
_refine_hist.d_res_low                        23.24 
# 
loop_
_refine_ls_restr.type 
_refine_ls_restr.dev_ideal 
_refine_ls_restr.dev_ideal_target 
_refine_ls_restr.weight 
_refine_ls_restr.number 
_refine_ls_restr.pdbx_refine_id 
_refine_ls_restr.pdbx_restraint_function 
r_bond_refined_d             0.016  0.021  ? 478 'X-RAY DIFFRACTION' ? 
r_bond_other_d               0.014  0.020  ? 294 'X-RAY DIFFRACTION' ? 
r_angle_refined_deg          1.495  1.928  ? 656 'X-RAY DIFFRACTION' ? 
r_angle_other_deg            1.009  3.000  ? 715 'X-RAY DIFFRACTION' ? 
r_dihedral_angle_1_deg       6.186  5.000  ? 62  'X-RAY DIFFRACTION' ? 
r_dihedral_angle_2_deg       29.841 25.357 ? 28  'X-RAY DIFFRACTION' ? 
r_dihedral_angle_3_deg       10.715 15.000 ? 70  'X-RAY DIFFRACTION' ? 
r_dihedral_angle_4_deg       21.157 15.000 ? 3   'X-RAY DIFFRACTION' ? 
r_chiral_restr               0.111  0.200  ? 69  'X-RAY DIFFRACTION' ? 
r_gen_planes_refined         0.007  0.020  ? 576 'X-RAY DIFFRACTION' ? 
r_gen_planes_other           0.002  0.020  ? 102 'X-RAY DIFFRACTION' ? 
r_nbd_refined                0.239  0.200  ? 85  'X-RAY DIFFRACTION' ? 
r_nbd_other                  0.206  0.200  ? 319 'X-RAY DIFFRACTION' ? 
r_nbtor_refined              0.183  0.200  ? 249 'X-RAY DIFFRACTION' ? 
r_nbtor_other                0.087  0.200  ? 270 'X-RAY DIFFRACTION' ? 
r_xyhbond_nbd_refined        0.244  0.200  ? 29  'X-RAY DIFFRACTION' ? 
r_xyhbond_nbd_other          ?      ?      ? ?   'X-RAY DIFFRACTION' ? 
r_metal_ion_refined          ?      ?      ? ?   'X-RAY DIFFRACTION' ? 
r_metal_ion_other            ?      ?      ? ?   'X-RAY DIFFRACTION' ? 
r_symmetry_vdw_refined       0.252  0.200  ? 12  'X-RAY DIFFRACTION' ? 
r_symmetry_vdw_other         0.311  0.200  ? 35  'X-RAY DIFFRACTION' ? 
r_symmetry_hbond_refined     0.393  0.200  ? 13  'X-RAY DIFFRACTION' ? 
r_symmetry_hbond_other       ?      ?      ? ?   'X-RAY DIFFRACTION' ? 
r_symmetry_metal_ion_refined ?      ?      ? ?   'X-RAY DIFFRACTION' ? 
r_symmetry_metal_ion_other   ?      ?      ? ?   'X-RAY DIFFRACTION' ? 
r_mcbond_it                  1.215  1.500  ? 315 'X-RAY DIFFRACTION' ? 
r_mcbond_other               0.316  1.500  ? 122 'X-RAY DIFFRACTION' ? 
r_mcangle_it                 1.623  2.000  ? 478 'X-RAY DIFFRACTION' ? 
r_scbond_it                  2.544  3.000  ? 207 'X-RAY DIFFRACTION' ? 
r_scangle_it                 3.357  4.500  ? 177 'X-RAY DIFFRACTION' ? 
r_rigid_bond_restr           ?      ?      ? ?   'X-RAY DIFFRACTION' ? 
r_sphericity_free            ?      ?      ? ?   'X-RAY DIFFRACTION' ? 
r_sphericity_bonded          ?      ?      ? ?   'X-RAY DIFFRACTION' ? 
# 
_refine_ls_shell.pdbx_total_number_of_bins_used   20 
_refine_ls_shell.d_res_high                       1.400 
_refine_ls_shell.d_res_low                        1.436 
_refine_ls_shell.number_reflns_R_work             719 
_refine_ls_shell.R_factor_R_work                  0.232 
_refine_ls_shell.percent_reflns_obs               100.00 
_refine_ls_shell.R_factor_R_free                  0.230 
_refine_ls_shell.R_factor_R_free_error            ? 
_refine_ls_shell.percent_reflns_R_free            ? 
_refine_ls_shell.number_reflns_R_free             38 
_refine_ls_shell.number_reflns_all                ? 
_refine_ls_shell.R_factor_all                     ? 
_refine_ls_shell.number_reflns_obs                ? 
_refine_ls_shell.redundancy_reflns_obs            ? 
_refine_ls_shell.pdbx_refine_id                   'X-RAY DIFFRACTION' 
# 
_struct.entry_id                  3I35 
_struct.title                     'Human SH3 domain of protein LASP1' 
_struct.pdbx_model_details        ? 
_struct.pdbx_CASP_flag            ? 
_struct.pdbx_model_type_details   ? 
# 
_struct_keywords.entry_id        3I35 
_struct_keywords.pdbx_keywords   'TRANSPORT PROTEIN' 
_struct_keywords.text            
;beta-barrel, Structural Genomics, Structural Genomics Consortium, SGC, Actin-binding, Cytoskeleton, Ion transport, LIM domain, Metal-binding, Phosphoprotein, SH3 domain, Transport, TRANSPORT PROTEIN
;
# 
loop_
_struct_asym.id 
_struct_asym.pdbx_blank_PDB_chainid_flag 
_struct_asym.pdbx_modified 
_struct_asym.entity_id 
_struct_asym.details 
A N N 1 ? 
B N N 2 ? 
# 
_struct_ref.id                         1 
_struct_ref.db_name                    UNP 
_struct_ref.db_code                    LASP1_HUMAN 
_struct_ref.pdbx_db_accession          Q14847 
_struct_ref.entity_id                  1 
_struct_ref.pdbx_seq_one_letter_code   GGGKRYRAVYDYSAADEDEVSFQDGDTIVNVQQIDDGWMYGTVERTGDTGMLPANYVEAI 
_struct_ref.pdbx_align_begin           202 
_struct_ref.pdbx_db_isoform            ? 
# 
_struct_ref_seq.align_id                      1 
_struct_ref_seq.ref_id                        1 
_struct_ref_seq.pdbx_PDB_id_code              3I35 
_struct_ref_seq.pdbx_strand_id                A 
_struct_ref_seq.seq_align_beg                 1 
_struct_ref_seq.pdbx_seq_align_beg_ins_code   ? 
_struct_ref_seq.seq_align_end                 60 
_struct_ref_seq.pdbx_seq_align_end_ins_code   ? 
_struct_ref_seq.pdbx_db_accession             Q14847 
_struct_ref_seq.db_align_beg                  202 
_struct_ref_seq.pdbx_db_align_beg_ins_code    ? 
_struct_ref_seq.db_align_end                  261 
_struct_ref_seq.pdbx_db_align_end_ins_code    ? 
_struct_ref_seq.pdbx_auth_seq_align_beg       202 
_struct_ref_seq.pdbx_auth_seq_align_end       261 
# 
_pdbx_struct_assembly.id                   1 
_pdbx_struct_assembly.details              author_and_software_defined_assembly 
_pdbx_struct_assembly.method_details       PISA 
_pdbx_struct_assembly.oligomeric_details   monomeric 
_pdbx_struct_assembly.oligomeric_count     1 
# 
_pdbx_struct_assembly_gen.assembly_id       1 
_pdbx_struct_assembly_gen.oper_expression   1 
_pdbx_struct_assembly_gen.asym_id_list      A,B 
# 
_pdbx_struct_oper_list.id                   1 
_pdbx_struct_oper_list.type                 'identity operation' 
_pdbx_struct_oper_list.name                 1_555 
_pdbx_struct_oper_list.symmetry_operation   x,y,z 
_pdbx_struct_oper_list.matrix[1][1]         1.0000000000 
_pdbx_struct_oper_list.matrix[1][2]         0.0000000000 
_pdbx_struct_oper_list.matrix[1][3]         0.0000000000 
_pdbx_struct_oper_list.vector[1]            0.0000000000 
_pdbx_struct_oper_list.matrix[2][1]         0.0000000000 
_pdbx_struct_oper_list.matrix[2][2]         1.0000000000 
_pdbx_struct_oper_list.matrix[2][3]         0.0000000000 
_pdbx_struct_oper_list.vector[2]            0.0000000000 
_pdbx_struct_oper_list.matrix[3][1]         0.0000000000 
_pdbx_struct_oper_list.matrix[3][2]         0.0000000000 
_pdbx_struct_oper_list.matrix[3][3]         1.0000000000 
_pdbx_struct_oper_list.vector[3]            0.0000000000 
# 
_struct_biol.id        1 
_struct_biol.details   ? 
# 
_struct_sheet.id               A 
_struct_sheet.type             ? 
_struct_sheet.number_strands   5 
_struct_sheet.details          ? 
# 
loop_
_struct_sheet_order.sheet_id 
_struct_sheet_order.range_id_1 
_struct_sheet_order.range_id_2 
_struct_sheet_order.offset 
_struct_sheet_order.sense 
A 1 2 ? anti-parallel 
A 2 3 ? anti-parallel 
A 3 4 ? anti-parallel 
A 4 5 ? anti-parallel 
# 
loop_
_struct_sheet_range.sheet_id 
_struct_sheet_range.id 
_struct_sheet_range.beg_label_comp_id 
_struct_sheet_range.beg_label_asym_id 
_struct_sheet_range.beg_label_seq_id 
_struct_sheet_range.pdbx_beg_PDB_ins_code 
_struct_sheet_range.end_label_comp_id 
_struct_sheet_range.end_label_asym_id 
_struct_sheet_range.end_label_seq_id 
_struct_sheet_range.pdbx_end_PDB_ins_code 
_struct_sheet_range.beg_auth_comp_id 
_struct_sheet_range.beg_auth_asym_id 
_struct_sheet_range.beg_auth_seq_id 
_struct_sheet_range.end_auth_comp_id 
_struct_sheet_range.end_auth_asym_id 
_struct_sheet_range.end_auth_seq_id 
A 1 ASP A 48 ? PRO A 53 ? ASP A 249 PRO A 254 
A 2 TRP A 38 ? VAL A 43 ? TRP A 239 VAL A 244 
A 3 THR A 27 ? ASP A 35 ? THR A 228 ASP A 236 
A 4 TYR A 6  ? ALA A 8  ? TYR A 207 ALA A 209 
A 5 VAL A 57 ? ALA A 59 ? VAL A 258 ALA A 260 
# 
loop_
_pdbx_struct_sheet_hbond.sheet_id 
_pdbx_struct_sheet_hbond.range_id_1 
_pdbx_struct_sheet_hbond.range_id_2 
_pdbx_struct_sheet_hbond.range_1_label_atom_id 
_pdbx_struct_sheet_hbond.range_1_label_comp_id 
_pdbx_struct_sheet_hbond.range_1_label_asym_id 
_pdbx_struct_sheet_hbond.range_1_label_seq_id 
_pdbx_struct_sheet_hbond.range_1_PDB_ins_code 
_pdbx_struct_sheet_hbond.range_1_auth_atom_id 
_pdbx_struct_sheet_hbond.range_1_auth_comp_id 
_pdbx_struct_sheet_hbond.range_1_auth_asym_id 
_pdbx_struct_sheet_hbond.range_1_auth_seq_id 
_pdbx_struct_sheet_hbond.range_2_label_atom_id 
_pdbx_struct_sheet_hbond.range_2_label_comp_id 
_pdbx_struct_sheet_hbond.range_2_label_asym_id 
_pdbx_struct_sheet_hbond.range_2_label_seq_id 
_pdbx_struct_sheet_hbond.range_2_PDB_ins_code 
_pdbx_struct_sheet_hbond.range_2_auth_atom_id 
_pdbx_struct_sheet_hbond.range_2_auth_comp_id 
_pdbx_struct_sheet_hbond.range_2_auth_asym_id 
_pdbx_struct_sheet_hbond.range_2_auth_seq_id 
A 1 2 O LEU A 52 ? O LEU A 253 N MET A 39 ? N MET A 240 
A 2 3 O TYR A 40 ? O TYR A 241 N GLN A 32 ? N GLN A 233 
A 3 4 O ILE A 28 ? O ILE A 229 N TYR A 6  ? N TYR A 207 
A 4 5 N ARG A 7  ? N ARG A 208 O GLU A 58 ? O GLU A 259 
# 
_pdbx_validate_close_contact.id               1 
_pdbx_validate_close_contact.PDB_model_num    1 
_pdbx_validate_close_contact.auth_atom_id_1   O 
_pdbx_validate_close_contact.auth_asym_id_1   A 
_pdbx_validate_close_contact.auth_comp_id_1   HOH 
_pdbx_validate_close_contact.auth_seq_id_1    3 
_pdbx_validate_close_contact.PDB_ins_code_1   ? 
_pdbx_validate_close_contact.label_alt_id_1   ? 
_pdbx_validate_close_contact.auth_atom_id_2   O 
_pdbx_validate_close_contact.auth_asym_id_2   A 
_pdbx_validate_close_contact.auth_comp_id_2   HOH 
_pdbx_validate_close_contact.auth_seq_id_2    57 
_pdbx_validate_close_contact.PDB_ins_code_2   ? 
_pdbx_validate_close_contact.label_alt_id_2   ? 
_pdbx_validate_close_contact.dist             1.83 
# 
loop_
_pdbx_validate_symm_contact.id 
_pdbx_validate_symm_contact.PDB_model_num 
_pdbx_validate_symm_contact.auth_atom_id_1 
_pdbx_validate_symm_contact.auth_asym_id_1 
_pdbx_validate_symm_contact.auth_comp_id_1 
_pdbx_validate_symm_contact.auth_seq_id_1 
_pdbx_validate_symm_contact.PDB_ins_code_1 
_pdbx_validate_symm_contact.label_alt_id_1 
_pdbx_validate_symm_contact.site_symmetry_1 
_pdbx_validate_symm_contact.auth_atom_id_2 
_pdbx_validate_symm_contact.auth_asym_id_2 
_pdbx_validate_symm_contact.auth_comp_id_2 
_pdbx_validate_symm_contact.auth_seq_id_2 
_pdbx_validate_symm_contact.PDB_ins_code_2 
_pdbx_validate_symm_contact.label_alt_id_2 
_pdbx_validate_symm_contact.site_symmetry_2 
_pdbx_validate_symm_contact.dist 
1 1 O A HOH 11 ? ? 1_555 O A HOH 57 ? ? 2_655 1.62 
2 1 O A HOH 4  ? ? 1_555 O A HOH 57 ? ? 2_655 2.18 
# 
_pdbx_SG_project.id                    1 
_pdbx_SG_project.project_name          ? 
_pdbx_SG_project.full_name_of_center   'Structural Genomics Consortium' 
_pdbx_SG_project.initial_of_center     SGC 
# 
_pdbx_refine_tls.pdbx_refine_id   'X-RAY DIFFRACTION' 
_pdbx_refine_tls.id               1 
_pdbx_refine_tls.details          ? 
_pdbx_refine_tls.method           refined 
_pdbx_refine_tls.origin_x         -0.3642 
_pdbx_refine_tls.origin_y         -0.0277 
_pdbx_refine_tls.origin_z         -0.0545 
_pdbx_refine_tls.T[1][1]          -0.0070 
_pdbx_refine_tls.T[2][2]          -0.0751 
_pdbx_refine_tls.T[3][3]          -0.0388 
_pdbx_refine_tls.T[1][2]          0.0046 
_pdbx_refine_tls.T[1][3]          0.0194 
_pdbx_refine_tls.T[2][3]          0.0095 
_pdbx_refine_tls.L[1][1]          4.3264 
_pdbx_refine_tls.L[2][2]          3.4936 
_pdbx_refine_tls.L[3][3]          1.9594 
_pdbx_refine_tls.L[1][2]          0.8288 
_pdbx_refine_tls.L[1][3]          -1.6409 
_pdbx_refine_tls.L[2][3]          0.3054 
_pdbx_refine_tls.S[1][1]          0.0047 
_pdbx_refine_tls.S[2][2]          -0.0458 
_pdbx_refine_tls.S[3][3]          0.0412 
_pdbx_refine_tls.S[1][2]          -0.0717 
_pdbx_refine_tls.S[1][3]          -0.0920 
_pdbx_refine_tls.S[2][3]          -0.0644 
_pdbx_refine_tls.S[2][1]          -0.1147 
_pdbx_refine_tls.S[3][1]          -0.1513 
_pdbx_refine_tls.S[3][2]          -0.0127 
# 
loop_
_pdbx_refine_tls_group.pdbx_refine_id 
_pdbx_refine_tls_group.id 
_pdbx_refine_tls_group.refine_tls_id 
_pdbx_refine_tls_group.beg_auth_asym_id 
_pdbx_refine_tls_group.beg_auth_seq_id 
_pdbx_refine_tls_group.end_auth_asym_id 
_pdbx_refine_tls_group.end_auth_seq_id 
_pdbx_refine_tls_group.selection_details 
_pdbx_refine_tls_group.beg_label_asym_id 
_pdbx_refine_tls_group.beg_label_seq_id 
_pdbx_refine_tls_group.end_label_asym_id 
_pdbx_refine_tls_group.end_label_seq_id 
_pdbx_refine_tls_group.selection 
'X-RAY DIFFRACTION' 1 1 A 10 A 29 ? . . . . ? 
'X-RAY DIFFRACTION' 2 1 A 31 A 58 ? . . . . ? 
# 
loop_
_pdbx_unobs_or_zero_occ_residues.id 
_pdbx_unobs_or_zero_occ_residues.PDB_model_num 
_pdbx_unobs_or_zero_occ_residues.polymer_flag 
_pdbx_unobs_or_zero_occ_residues.occupancy_flag 
_pdbx_unobs_or_zero_occ_residues.auth_asym_id 
_pdbx_unobs_or_zero_occ_residues.auth_comp_id 
_pdbx_unobs_or_zero_occ_residues.auth_seq_id 
_pdbx_unobs_or_zero_occ_residues.PDB_ins_code 
_pdbx_unobs_or_zero_occ_residues.label_asym_id 
_pdbx_unobs_or_zero_occ_residues.label_comp_id 
_pdbx_unobs_or_zero_occ_residues.label_seq_id 
1 1 Y 1 A GLY 202 ? A GLY 1 
2 1 Y 1 A GLY 203 ? A GLY 2 
3 1 Y 1 A GLY 204 ? A GLY 3 
# 
loop_
_chem_comp_atom.comp_id 
_chem_comp_atom.atom_id 
_chem_comp_atom.type_symbol 
_chem_comp_atom.pdbx_aromatic_flag 
_chem_comp_atom.pdbx_stereo_config 
_chem_comp_atom.pdbx_ordinal 
ALA N    N N N 1   
ALA CA   C N S 2   
ALA C    C N N 3   
ALA O    O N N 4   
ALA CB   C N N 5   
ALA OXT  O N N 6   
ALA H    H N N 7   
ALA H2   H N N 8   
ALA HA   H N N 9   
ALA HB1  H N N 10  
ALA HB2  H N N 11  
ALA HB3  H N N 12  
ALA HXT  H N N 13  
ARG N    N N N 14  
ARG CA   C N S 15  
ARG C    C N N 16  
ARG O    O N N 17  
ARG CB   C N N 18  
ARG CG   C N N 19  
ARG CD   C N N 20  
ARG NE   N N N 21  
ARG CZ   C N N 22  
ARG NH1  N N N 23  
ARG NH2  N N N 24  
ARG OXT  O N N 25  
ARG H    H N N 26  
ARG H2   H N N 27  
ARG HA   H N N 28  
ARG HB2  H N N 29  
ARG HB3  H N N 30  
ARG HG2  H N N 31  
ARG HG3  H N N 32  
ARG HD2  H N N 33  
ARG HD3  H N N 34  
ARG HE   H N N 35  
ARG HH11 H N N 36  
ARG HH12 H N N 37  
ARG HH21 H N N 38  
ARG HH22 H N N 39  
ARG HXT  H N N 40  
ASN N    N N N 41  
ASN CA   C N S 42  
ASN C    C N N 43  
ASN O    O N N 44  
ASN CB   C N N 45  
ASN CG   C N N 46  
ASN OD1  O N N 47  
ASN ND2  N N N 48  
ASN OXT  O N N 49  
ASN H    H N N 50  
ASN H2   H N N 51  
ASN HA   H N N 52  
ASN HB2  H N N 53  
ASN HB3  H N N 54  
ASN HD21 H N N 55  
ASN HD22 H N N 56  
ASN HXT  H N N 57  
ASP N    N N N 58  
ASP CA   C N S 59  
ASP C    C N N 60  
ASP O    O N N 61  
ASP CB   C N N 62  
ASP CG   C N N 63  
ASP OD1  O N N 64  
ASP OD2  O N N 65  
ASP OXT  O N N 66  
ASP H    H N N 67  
ASP H2   H N N 68  
ASP HA   H N N 69  
ASP HB2  H N N 70  
ASP HB3  H N N 71  
ASP HD2  H N N 72  
ASP HXT  H N N 73  
GLN N    N N N 74  
GLN CA   C N S 75  
GLN C    C N N 76  
GLN O    O N N 77  
GLN CB   C N N 78  
GLN CG   C N N 79  
GLN CD   C N N 80  
GLN OE1  O N N 81  
GLN NE2  N N N 82  
GLN OXT  O N N 83  
GLN H    H N N 84  
GLN H2   H N N 85  
GLN HA   H N N 86  
GLN HB2  H N N 87  
GLN HB3  H N N 88  
GLN HG2  H N N 89  
GLN HG3  H N N 90  
GLN HE21 H N N 91  
GLN HE22 H N N 92  
GLN HXT  H N N 93  
GLU N    N N N 94  
GLU CA   C N S 95  
GLU C    C N N 96  
GLU O    O N N 97  
GLU CB   C N N 98  
GLU CG   C N N 99  
GLU CD   C N N 100 
GLU OE1  O N N 101 
GLU OE2  O N N 102 
GLU OXT  O N N 103 
GLU H    H N N 104 
GLU H2   H N N 105 
GLU HA   H N N 106 
GLU HB2  H N N 107 
GLU HB3  H N N 108 
GLU HG2  H N N 109 
GLU HG3  H N N 110 
GLU HE2  H N N 111 
GLU HXT  H N N 112 
GLY N    N N N 113 
GLY CA   C N N 114 
GLY C    C N N 115 
GLY O    O N N 116 
GLY OXT  O N N 117 
GLY H    H N N 118 
GLY H2   H N N 119 
GLY HA2  H N N 120 
GLY HA3  H N N 121 
GLY HXT  H N N 122 
HOH O    O N N 123 
HOH H1   H N N 124 
HOH H2   H N N 125 
ILE N    N N N 126 
ILE CA   C N S 127 
ILE C    C N N 128 
ILE O    O N N 129 
ILE CB   C N S 130 
ILE CG1  C N N 131 
ILE CG2  C N N 132 
ILE CD1  C N N 133 
ILE OXT  O N N 134 
ILE H    H N N 135 
ILE H2   H N N 136 
ILE HA   H N N 137 
ILE HB   H N N 138 
ILE HG12 H N N 139 
ILE HG13 H N N 140 
ILE HG21 H N N 141 
ILE HG22 H N N 142 
ILE HG23 H N N 143 
ILE HD11 H N N 144 
ILE HD12 H N N 145 
ILE HD13 H N N 146 
ILE HXT  H N N 147 
LEU N    N N N 148 
LEU CA   C N S 149 
LEU C    C N N 150 
LEU O    O N N 151 
LEU CB   C N N 152 
LEU CG   C N N 153 
LEU CD1  C N N 154 
LEU CD2  C N N 155 
LEU OXT  O N N 156 
LEU H    H N N 157 
LEU H2   H N N 158 
LEU HA   H N N 159 
LEU HB2  H N N 160 
LEU HB3  H N N 161 
LEU HG   H N N 162 
LEU HD11 H N N 163 
LEU HD12 H N N 164 
LEU HD13 H N N 165 
LEU HD21 H N N 166 
LEU HD22 H N N 167 
LEU HD23 H N N 168 
LEU HXT  H N N 169 
LYS N    N N N 170 
LYS CA   C N S 171 
LYS C    C N N 172 
LYS O    O N N 173 
LYS CB   C N N 174 
LYS CG   C N N 175 
LYS CD   C N N 176 
LYS CE   C N N 177 
LYS NZ   N N N 178 
LYS OXT  O N N 179 
LYS H    H N N 180 
LYS H2   H N N 181 
LYS HA   H N N 182 
LYS HB2  H N N 183 
LYS HB3  H N N 184 
LYS HG2  H N N 185 
LYS HG3  H N N 186 
LYS HD2  H N N 187 
LYS HD3  H N N 188 
LYS HE2  H N N 189 
LYS HE3  H N N 190 
LYS HZ1  H N N 191 
LYS HZ2  H N N 192 
LYS HZ3  H N N 193 
LYS HXT  H N N 194 
MET N    N N N 195 
MET CA   C N S 196 
MET C    C N N 197 
MET O    O N N 198 
MET CB   C N N 199 
MET CG   C N N 200 
MET SD   S N N 201 
MET CE   C N N 202 
MET OXT  O N N 203 
MET H    H N N 204 
MET H2   H N N 205 
MET HA   H N N 206 
MET HB2  H N N 207 
MET HB3  H N N 208 
MET HG2  H N N 209 
MET HG3  H N N 210 
MET HE1  H N N 211 
MET HE2  H N N 212 
MET HE3  H N N 213 
MET HXT  H N N 214 
PHE N    N N N 215 
PHE CA   C N S 216 
PHE C    C N N 217 
PHE O    O N N 218 
PHE CB   C N N 219 
PHE CG   C Y N 220 
PHE CD1  C Y N 221 
PHE CD2  C Y N 222 
PHE CE1  C Y N 223 
PHE CE2  C Y N 224 
PHE CZ   C Y N 225 
PHE OXT  O N N 226 
PHE H    H N N 227 
PHE H2   H N N 228 
PHE HA   H N N 229 
PHE HB2  H N N 230 
PHE HB3  H N N 231 
PHE HD1  H N N 232 
PHE HD2  H N N 233 
PHE HE1  H N N 234 
PHE HE2  H N N 235 
PHE HZ   H N N 236 
PHE HXT  H N N 237 
PRO N    N N N 238 
PRO CA   C N S 239 
PRO C    C N N 240 
PRO O    O N N 241 
PRO CB   C N N 242 
PRO CG   C N N 243 
PRO CD   C N N 244 
PRO OXT  O N N 245 
PRO H    H N N 246 
PRO HA   H N N 247 
PRO HB2  H N N 248 
PRO HB3  H N N 249 
PRO HG2  H N N 250 
PRO HG3  H N N 251 
PRO HD2  H N N 252 
PRO HD3  H N N 253 
PRO HXT  H N N 254 
SER N    N N N 255 
SER CA   C N S 256 
SER C    C N N 257 
SER O    O N N 258 
SER CB   C N N 259 
SER OG   O N N 260 
SER OXT  O N N 261 
SER H    H N N 262 
SER H2   H N N 263 
SER HA   H N N 264 
SER HB2  H N N 265 
SER HB3  H N N 266 
SER HG   H N N 267 
SER HXT  H N N 268 
THR N    N N N 269 
THR CA   C N S 270 
THR C    C N N 271 
THR O    O N N 272 
THR CB   C N R 273 
THR OG1  O N N 274 
THR CG2  C N N 275 
THR OXT  O N N 276 
THR H    H N N 277 
THR H2   H N N 278 
THR HA   H N N 279 
THR HB   H N N 280 
THR HG1  H N N 281 
THR HG21 H N N 282 
THR HG22 H N N 283 
THR HG23 H N N 284 
THR HXT  H N N 285 
TRP N    N N N 286 
TRP CA   C N S 287 
TRP C    C N N 288 
TRP O    O N N 289 
TRP CB   C N N 290 
TRP CG   C Y N 291 
TRP CD1  C Y N 292 
TRP CD2  C Y N 293 
TRP NE1  N Y N 294 
TRP CE2  C Y N 295 
TRP CE3  C Y N 296 
TRP CZ2  C Y N 297 
TRP CZ3  C Y N 298 
TRP CH2  C Y N 299 
TRP OXT  O N N 300 
TRP H    H N N 301 
TRP H2   H N N 302 
TRP HA   H N N 303 
TRP HB2  H N N 304 
TRP HB3  H N N 305 
TRP HD1  H N N 306 
TRP HE1  H N N 307 
TRP HE3  H N N 308 
TRP HZ2  H N N 309 
TRP HZ3  H N N 310 
TRP HH2  H N N 311 
TRP HXT  H N N 312 
TYR N    N N N 313 
TYR CA   C N S 314 
TYR C    C N N 315 
TYR O    O N N 316 
TYR CB   C N N 317 
TYR CG   C Y N 318 
TYR CD1  C Y N 319 
TYR CD2  C Y N 320 
TYR CE1  C Y N 321 
TYR CE2  C Y N 322 
TYR CZ   C Y N 323 
TYR OH   O N N 324 
TYR OXT  O N N 325 
TYR H    H N N 326 
TYR H2   H N N 327 
TYR HA   H N N 328 
TYR HB2  H N N 329 
TYR HB3  H N N 330 
TYR HD1  H N N 331 
TYR HD2  H N N 332 
TYR HE1  H N N 333 
TYR HE2  H N N 334 
TYR HH   H N N 335 
TYR HXT  H N N 336 
VAL N    N N N 337 
VAL CA   C N S 338 
VAL C    C N N 339 
VAL O    O N N 340 
VAL CB   C N N 341 
VAL CG1  C N N 342 
VAL CG2  C N N 343 
VAL OXT  O N N 344 
VAL H    H N N 345 
VAL H2   H N N 346 
VAL HA   H N N 347 
VAL HB   H N N 348 
VAL HG11 H N N 349 
VAL HG12 H N N 350 
VAL HG13 H N N 351 
VAL HG21 H N N 352 
VAL HG22 H N N 353 
VAL HG23 H N N 354 
VAL HXT  H N N 355 
# 
loop_
_chem_comp_bond.comp_id 
_chem_comp_bond.atom_id_1 
_chem_comp_bond.atom_id_2 
_chem_comp_bond.value_order 
_chem_comp_bond.pdbx_aromatic_flag 
_chem_comp_bond.pdbx_stereo_config 
_chem_comp_bond.pdbx_ordinal 
ALA N   CA   sing N N 1   
ALA N   H    sing N N 2   
ALA N   H2   sing N N 3   
ALA CA  C    sing N N 4   
ALA CA  CB   sing N N 5   
ALA CA  HA   sing N N 6   
ALA C   O    doub N N 7   
ALA C   OXT  sing N N 8   
ALA CB  HB1  sing N N 9   
ALA CB  HB2  sing N N 10  
ALA CB  HB3  sing N N 11  
ALA OXT HXT  sing N N 12  
ARG N   CA   sing N N 13  
ARG N   H    sing N N 14  
ARG N   H2   sing N N 15  
ARG CA  C    sing N N 16  
ARG CA  CB   sing N N 17  
ARG CA  HA   sing N N 18  
ARG C   O    doub N N 19  
ARG C   OXT  sing N N 20  
ARG CB  CG   sing N N 21  
ARG CB  HB2  sing N N 22  
ARG CB  HB3  sing N N 23  
ARG CG  CD   sing N N 24  
ARG CG  HG2  sing N N 25  
ARG CG  HG3  sing N N 26  
ARG CD  NE   sing N N 27  
ARG CD  HD2  sing N N 28  
ARG CD  HD3  sing N N 29  
ARG NE  CZ   sing N N 30  
ARG NE  HE   sing N N 31  
ARG CZ  NH1  sing N N 32  
ARG CZ  NH2  doub N N 33  
ARG NH1 HH11 sing N N 34  
ARG NH1 HH12 sing N N 35  
ARG NH2 HH21 sing N N 36  
ARG NH2 HH22 sing N N 37  
ARG OXT HXT  sing N N 38  
ASN N   CA   sing N N 39  
ASN N   H    sing N N 40  
ASN N   H2   sing N N 41  
ASN CA  C    sing N N 42  
ASN CA  CB   sing N N 43  
ASN CA  HA   sing N N 44  
ASN C   O    doub N N 45  
ASN C   OXT  sing N N 46  
ASN CB  CG   sing N N 47  
ASN CB  HB2  sing N N 48  
ASN CB  HB3  sing N N 49  
ASN CG  OD1  doub N N 50  
ASN CG  ND2  sing N N 51  
ASN ND2 HD21 sing N N 52  
ASN ND2 HD22 sing N N 53  
ASN OXT HXT  sing N N 54  
ASP N   CA   sing N N 55  
ASP N   H    sing N N 56  
ASP N   H2   sing N N 57  
ASP CA  C    sing N N 58  
ASP CA  CB   sing N N 59  
ASP CA  HA   sing N N 60  
ASP C   O    doub N N 61  
ASP C   OXT  sing N N 62  
ASP CB  CG   sing N N 63  
ASP CB  HB2  sing N N 64  
ASP CB  HB3  sing N N 65  
ASP CG  OD1  doub N N 66  
ASP CG  OD2  sing N N 67  
ASP OD2 HD2  sing N N 68  
ASP OXT HXT  sing N N 69  
GLN N   CA   sing N N 70  
GLN N   H    sing N N 71  
GLN N   H2   sing N N 72  
GLN CA  C    sing N N 73  
GLN CA  CB   sing N N 74  
GLN CA  HA   sing N N 75  
GLN C   O    doub N N 76  
GLN C   OXT  sing N N 77  
GLN CB  CG   sing N N 78  
GLN CB  HB2  sing N N 79  
GLN CB  HB3  sing N N 80  
GLN CG  CD   sing N N 81  
GLN CG  HG2  sing N N 82  
GLN CG  HG3  sing N N 83  
GLN CD  OE1  doub N N 84  
GLN CD  NE2  sing N N 85  
GLN NE2 HE21 sing N N 86  
GLN NE2 HE22 sing N N 87  
GLN OXT HXT  sing N N 88  
GLU N   CA   sing N N 89  
GLU N   H    sing N N 90  
GLU N   H2   sing N N 91  
GLU CA  C    sing N N 92  
GLU CA  CB   sing N N 93  
GLU CA  HA   sing N N 94  
GLU C   O    doub N N 95  
GLU C   OXT  sing N N 96  
GLU CB  CG   sing N N 97  
GLU CB  HB2  sing N N 98  
GLU CB  HB3  sing N N 99  
GLU CG  CD   sing N N 100 
GLU CG  HG2  sing N N 101 
GLU CG  HG3  sing N N 102 
GLU CD  OE1  doub N N 103 
GLU CD  OE2  sing N N 104 
GLU OE2 HE2  sing N N 105 
GLU OXT HXT  sing N N 106 
GLY N   CA   sing N N 107 
GLY N   H    sing N N 108 
GLY N   H2   sing N N 109 
GLY CA  C    sing N N 110 
GLY CA  HA2  sing N N 111 
GLY CA  HA3  sing N N 112 
GLY C   O    doub N N 113 
GLY C   OXT  sing N N 114 
GLY OXT HXT  sing N N 115 
HOH O   H1   sing N N 116 
HOH O   H2   sing N N 117 
ILE N   CA   sing N N 118 
ILE N   H    sing N N 119 
ILE N   H2   sing N N 120 
ILE CA  C    sing N N 121 
ILE CA  CB   sing N N 122 
ILE CA  HA   sing N N 123 
ILE C   O    doub N N 124 
ILE C   OXT  sing N N 125 
ILE CB  CG1  sing N N 126 
ILE CB  CG2  sing N N 127 
ILE CB  HB   sing N N 128 
ILE CG1 CD1  sing N N 129 
ILE CG1 HG12 sing N N 130 
ILE CG1 HG13 sing N N 131 
ILE CG2 HG21 sing N N 132 
ILE CG2 HG22 sing N N 133 
ILE CG2 HG23 sing N N 134 
ILE CD1 HD11 sing N N 135 
ILE CD1 HD12 sing N N 136 
ILE CD1 HD13 sing N N 137 
ILE OXT HXT  sing N N 138 
LEU N   CA   sing N N 139 
LEU N   H    sing N N 140 
LEU N   H2   sing N N 141 
LEU CA  C    sing N N 142 
LEU CA  CB   sing N N 143 
LEU CA  HA   sing N N 144 
LEU C   O    doub N N 145 
LEU C   OXT  sing N N 146 
LEU CB  CG   sing N N 147 
LEU CB  HB2  sing N N 148 
LEU CB  HB3  sing N N 149 
LEU CG  CD1  sing N N 150 
LEU CG  CD2  sing N N 151 
LEU CG  HG   sing N N 152 
LEU CD1 HD11 sing N N 153 
LEU CD1 HD12 sing N N 154 
LEU CD1 HD13 sing N N 155 
LEU CD2 HD21 sing N N 156 
LEU CD2 HD22 sing N N 157 
LEU CD2 HD23 sing N N 158 
LEU OXT HXT  sing N N 159 
LYS N   CA   sing N N 160 
LYS N   H    sing N N 161 
LYS N   H2   sing N N 162 
LYS CA  C    sing N N 163 
LYS CA  CB   sing N N 164 
LYS CA  HA   sing N N 165 
LYS C   O    doub N N 166 
LYS C   OXT  sing N N 167 
LYS CB  CG   sing N N 168 
LYS CB  HB2  sing N N 169 
LYS CB  HB3  sing N N 170 
LYS CG  CD   sing N N 171 
LYS CG  HG2  sing N N 172 
LYS CG  HG3  sing N N 173 
LYS CD  CE   sing N N 174 
LYS CD  HD2  sing N N 175 
LYS CD  HD3  sing N N 176 
LYS CE  NZ   sing N N 177 
LYS CE  HE2  sing N N 178 
LYS CE  HE3  sing N N 179 
LYS NZ  HZ1  sing N N 180 
LYS NZ  HZ2  sing N N 181 
LYS NZ  HZ3  sing N N 182 
LYS OXT HXT  sing N N 183 
MET N   CA   sing N N 184 
MET N   H    sing N N 185 
MET N   H2   sing N N 186 
MET CA  C    sing N N 187 
MET CA  CB   sing N N 188 
MET CA  HA   sing N N 189 
MET C   O    doub N N 190 
MET C   OXT  sing N N 191 
MET CB  CG   sing N N 192 
MET CB  HB2  sing N N 193 
MET CB  HB3  sing N N 194 
MET CG  SD   sing N N 195 
MET CG  HG2  sing N N 196 
MET CG  HG3  sing N N 197 
MET SD  CE   sing N N 198 
MET CE  HE1  sing N N 199 
MET CE  HE2  sing N N 200 
MET CE  HE3  sing N N 201 
MET OXT HXT  sing N N 202 
PHE N   CA   sing N N 203 
PHE N   H    sing N N 204 
PHE N   H2   sing N N 205 
PHE CA  C    sing N N 206 
PHE CA  CB   sing N N 207 
PHE CA  HA   sing N N 208 
PHE C   O    doub N N 209 
PHE C   OXT  sing N N 210 
PHE CB  CG   sing N N 211 
PHE CB  HB2  sing N N 212 
PHE CB  HB3  sing N N 213 
PHE CG  CD1  doub Y N 214 
PHE CG  CD2  sing Y N 215 
PHE CD1 CE1  sing Y N 216 
PHE CD1 HD1  sing N N 217 
PHE CD2 CE2  doub Y N 218 
PHE CD2 HD2  sing N N 219 
PHE CE1 CZ   doub Y N 220 
PHE CE1 HE1  sing N N 221 
PHE CE2 CZ   sing Y N 222 
PHE CE2 HE2  sing N N 223 
PHE CZ  HZ   sing N N 224 
PHE OXT HXT  sing N N 225 
PRO N   CA   sing N N 226 
PRO N   CD   sing N N 227 
PRO N   H    sing N N 228 
PRO CA  C    sing N N 229 
PRO CA  CB   sing N N 230 
PRO CA  HA   sing N N 231 
PRO C   O    doub N N 232 
PRO C   OXT  sing N N 233 
PRO CB  CG   sing N N 234 
PRO CB  HB2  sing N N 235 
PRO CB  HB3  sing N N 236 
PRO CG  CD   sing N N 237 
PRO CG  HG2  sing N N 238 
PRO CG  HG3  sing N N 239 
PRO CD  HD2  sing N N 240 
PRO CD  HD3  sing N N 241 
PRO OXT HXT  sing N N 242 
SER N   CA   sing N N 243 
SER N   H    sing N N 244 
SER N   H2   sing N N 245 
SER CA  C    sing N N 246 
SER CA  CB   sing N N 247 
SER CA  HA   sing N N 248 
SER C   O    doub N N 249 
SER C   OXT  sing N N 250 
SER CB  OG   sing N N 251 
SER CB  HB2  sing N N 252 
SER CB  HB3  sing N N 253 
SER OG  HG   sing N N 254 
SER OXT HXT  sing N N 255 
THR N   CA   sing N N 256 
THR N   H    sing N N 257 
THR N   H2   sing N N 258 
THR CA  C    sing N N 259 
THR CA  CB   sing N N 260 
THR CA  HA   sing N N 261 
THR C   O    doub N N 262 
THR C   OXT  sing N N 263 
THR CB  OG1  sing N N 264 
THR CB  CG2  sing N N 265 
THR CB  HB   sing N N 266 
THR OG1 HG1  sing N N 267 
THR CG2 HG21 sing N N 268 
THR CG2 HG22 sing N N 269 
THR CG2 HG23 sing N N 270 
THR OXT HXT  sing N N 271 
TRP N   CA   sing N N 272 
TRP N   H    sing N N 273 
TRP N   H2   sing N N 274 
TRP CA  C    sing N N 275 
TRP CA  CB   sing N N 276 
TRP CA  HA   sing N N 277 
TRP C   O    doub N N 278 
TRP C   OXT  sing N N 279 
TRP CB  CG   sing N N 280 
TRP CB  HB2  sing N N 281 
TRP CB  HB3  sing N N 282 
TRP CG  CD1  doub Y N 283 
TRP CG  CD2  sing Y N 284 
TRP CD1 NE1  sing Y N 285 
TRP CD1 HD1  sing N N 286 
TRP CD2 CE2  doub Y N 287 
TRP CD2 CE3  sing Y N 288 
TRP NE1 CE2  sing Y N 289 
TRP NE1 HE1  sing N N 290 
TRP CE2 CZ2  sing Y N 291 
TRP CE3 CZ3  doub Y N 292 
TRP CE3 HE3  sing N N 293 
TRP CZ2 CH2  doub Y N 294 
TRP CZ2 HZ2  sing N N 295 
TRP CZ3 CH2  sing Y N 296 
TRP CZ3 HZ3  sing N N 297 
TRP CH2 HH2  sing N N 298 
TRP OXT HXT  sing N N 299 
TYR N   CA   sing N N 300 
TYR N   H    sing N N 301 
TYR N   H2   sing N N 302 
TYR CA  C    sing N N 303 
TYR CA  CB   sing N N 304 
TYR CA  HA   sing N N 305 
TYR C   O    doub N N 306 
TYR C   OXT  sing N N 307 
TYR CB  CG   sing N N 308 
TYR CB  HB2  sing N N 309 
TYR CB  HB3  sing N N 310 
TYR CG  CD1  doub Y N 311 
TYR CG  CD2  sing Y N 312 
TYR CD1 CE1  sing Y N 313 
TYR CD1 HD1  sing N N 314 
TYR CD2 CE2  doub Y N 315 
TYR CD2 HD2  sing N N 316 
TYR CE1 CZ   doub Y N 317 
TYR CE1 HE1  sing N N 318 
TYR CE2 CZ   sing Y N 319 
TYR CE2 HE2  sing N N 320 
TYR CZ  OH   sing N N 321 
TYR OH  HH   sing N N 322 
TYR OXT HXT  sing N N 323 
VAL N   CA   sing N N 324 
VAL N   H    sing N N 325 
VAL N   H2   sing N N 326 
VAL CA  C    sing N N 327 
VAL CA  CB   sing N N 328 
VAL CA  HA   sing N N 329 
VAL C   O    doub N N 330 
VAL C   OXT  sing N N 331 
VAL CB  CG1  sing N N 332 
VAL CB  CG2  sing N N 333 
VAL CB  HB   sing N N 334 
VAL CG1 HG11 sing N N 335 
VAL CG1 HG12 sing N N 336 
VAL CG1 HG13 sing N N 337 
VAL CG2 HG21 sing N N 338 
VAL CG2 HG22 sing N N 339 
VAL CG2 HG23 sing N N 340 
VAL OXT HXT  sing N N 341 
# 
_atom_sites.entry_id                    3I35 
_atom_sites.fract_transf_matrix[1][1]   0.02455693 
_atom_sites.fract_transf_matrix[1][2]   -0.00991600 
_atom_sites.fract_transf_matrix[1][3]   -0.02928996 
_atom_sites.fract_transf_matrix[2][1]   -0.03316071 
_atom_sites.fract_transf_matrix[2][2]   -0.00115400 
_atom_sites.fract_transf_matrix[2][3]   -0.02741151 
_atom_sites.fract_transf_matrix[3][1]   0.00373121 
_atom_sites.fract_transf_matrix[3][2]   0.02139636 
_atom_sites.fract_transf_matrix[3][3]   -0.00541455 
_atom_sites.fract_transf_vector[1]      0.375723 
_atom_sites.fract_transf_vector[2]      0.954170 
_atom_sites.fract_transf_vector[3]      0.231517 
# 
loop_
_atom_type.symbol 
C 
N 
O 
S 
# 
loop_
_atom_site.group_PDB 
_atom_site.id 
_atom_site.type_symbol 
_atom_site.label_atom_id 
_atom_site.label_alt_id 
_atom_site.label_comp_id 
_atom_site.label_asym_id 
_atom_site.label_entity_id 
_atom_site.label_seq_id 
_atom_site.pdbx_PDB_ins_code 
_atom_site.Cartn_x 
_atom_site.Cartn_y 
_atom_site.Cartn_z 
_atom_site.occupancy 
_atom_site.B_iso_or_equiv 
_atom_site.pdbx_formal_charge 
_atom_site.auth_seq_id 
_atom_site.auth_comp_id 
_atom_site.auth_asym_id 
_atom_site.auth_atom_id 
_atom_site.pdbx_PDB_model_num 
ATOM   1   N N   . LYS A 1 4  ? -0.585  9.934   8.118   1.00 23.66 ? 205 LYS A N   1 
ATOM   2   C CA  . LYS A 1 4  ? 0.278   8.795   7.652   1.00 21.49 ? 205 LYS A CA  1 
ATOM   3   C C   . LYS A 1 4  ? -0.511  7.580   7.164   1.00 20.89 ? 205 LYS A C   1 
ATOM   4   O O   . LYS A 1 4  ? 0.106   6.610   6.638   1.00 22.53 ? 205 LYS A O   1 
ATOM   5   C CB  . LYS A 1 4  ? 1.215   8.341   8.773   1.00 22.35 ? 205 LYS A CB  1 
ATOM   6   N N   . ARG A 1 5  ? -1.845  7.637   7.291   1.00 20.81 ? 206 ARG A N   1 
ATOM   7   C CA  . ARG A 1 5  ? -2.728  6.489   6.984   1.00 19.13 ? 206 ARG A CA  1 
ATOM   8   C C   . ARG A 1 5  ? -3.472  6.628   5.659   1.00 16.54 ? 206 ARG A C   1 
ATOM   9   O O   . ARG A 1 5  ? -4.019  7.678   5.316   1.00 14.95 ? 206 ARG A O   1 
ATOM   10  C CB  . ARG A 1 5  ? -3.787  6.250   8.054   1.00 18.93 ? 206 ARG A CB  1 
ATOM   11  C CG  . ARG A 1 5  ? -3.283  5.919   9.464   1.00 20.89 ? 206 ARG A CG  1 
ATOM   12  C CD  . ARG A 1 5  ? -4.377  5.158   10.277  1.00 20.20 ? 206 ARG A CD  1 
ATOM   13  N NE  . ARG A 1 5  ? -5.638  5.910   10.340  1.00 19.15 ? 206 ARG A NE  1 
ATOM   14  C CZ  . ARG A 1 5  ? -6.850  5.402   10.542  1.00 15.78 ? 206 ARG A CZ  1 
ATOM   15  N NH1 . ARG A 1 5  ? -7.911  6.205   10.567  1.00 19.20 ? 206 ARG A NH1 1 
ATOM   16  N NH2 . ARG A 1 5  ? -7.015  4.088   10.728  1.00 15.74 ? 206 ARG A NH2 1 
ATOM   17  N N   . TYR A 1 6  ? -3.529  5.506   4.952   1.00 15.16 ? 207 TYR A N   1 
ATOM   18  C CA  . TYR A 1 6  ? -4.227  5.406   3.702   1.00 13.55 ? 207 TYR A CA  1 
ATOM   19  C C   . TYR A 1 6  ? -5.180  4.212   3.733   1.00 12.65 ? 207 TYR A C   1 
ATOM   20  O O   . TYR A 1 6  ? -4.994  3.259   4.493   1.00 12.94 ? 207 TYR A O   1 
ATOM   21  C CB  . TYR A 1 6  ? -3.187  5.192   2.592   1.00 14.84 ? 207 TYR A CB  1 
ATOM   22  C CG  . TYR A 1 6  ? -2.433  6.478   2.251   1.00 15.15 ? 207 TYR A CG  1 
ATOM   23  C CD1 . TYR A 1 6  ? -2.792  7.240   1.142   1.00 15.26 ? 207 TYR A CD1 1 
ATOM   24  C CD2 . TYR A 1 6  ? -1.366  6.928   3.034   1.00 15.53 ? 207 TYR A CD2 1 
ATOM   25  C CE1 . TYR A 1 6  ? -2.122  8.420   0.835   1.00 17.76 ? 207 TYR A CE1 1 
ATOM   26  C CE2 . TYR A 1 6  ? -0.696  8.118   2.733   1.00 16.62 ? 207 TYR A CE2 1 
ATOM   27  C CZ  . TYR A 1 6  ? -1.082  8.833   1.634   1.00 16.33 ? 207 TYR A CZ  1 
ATOM   28  O OH  . TYR A 1 6  ? -0.418  10.001  1.324   1.00 17.94 ? 207 TYR A OH  1 
ATOM   29  N N   . ARG A 1 7  ? -6.160  4.205   2.842   1.00 12.57 ? 208 ARG A N   1 
ATOM   30  C CA  . ARG A 1 7  ? -7.054  3.069   2.681   1.00 13.18 ? 208 ARG A CA  1 
ATOM   31  C C   . ARG A 1 7  ? -6.978  2.557   1.262   1.00 11.75 ? 208 ARG A C   1 
ATOM   32  O O   . ARG A 1 7  ? -7.050  3.322   0.318   1.00 13.48 ? 208 ARG A O   1 
ATOM   33  C CB  . ARG A 1 7  ? -8.470  3.515   3.051   1.00 14.37 ? 208 ARG A CB  1 
ATOM   34  C CG  . ARG A 1 7  ? -9.539  2.509   3.019   1.00 19.59 ? 208 ARG A CG  1 
ATOM   35  C CD  . ARG A 1 7  ? -9.457  1.489   4.035   1.00 23.14 ? 208 ARG A CD  1 
ATOM   36  N NE  . ARG A 1 7  ? -9.168  1.957   5.381   1.00 20.84 ? 208 ARG A NE  1 
ATOM   37  C CZ  . ARG A 1 7  ? -9.936  2.742   6.136   1.00 21.59 ? 208 ARG A CZ  1 
ATOM   38  N NH1 . ARG A 1 7  ? -11.093 3.204   5.698   1.00 28.49 ? 208 ARG A NH1 1 
ATOM   39  N NH2 . ARG A 1 7  ? -9.523  3.027   7.376   1.00 20.37 ? 208 ARG A NH2 1 
ATOM   40  N N   . ALA A 1 8  ? -6.887  1.248   1.121   1.00 10.45 ? 209 ALA A N   1 
ATOM   41  C CA  . ALA A 1 8  ? -6.890  0.637   -0.199  1.00 10.54 ? 209 ALA A CA  1 
ATOM   42  C C   . ALA A 1 8  ? -8.295  0.749   -0.766  1.00 10.61 ? 209 ALA A C   1 
ATOM   43  O O   . ALA A 1 8  ? -9.314  0.503   -0.090  1.00 11.52 ? 209 ALA A O   1 
ATOM   44  C CB  . ALA A 1 8  ? -6.513  -0.852  -0.110  1.00 11.07 ? 209 ALA A CB  1 
ATOM   45  N N   . VAL A 1 9  ? -8.360  1.195   -2.016  1.00 11.84 ? 210 VAL A N   1 
ATOM   46  C CA  . VAL A 1 9  ? -9.633  1.254   -2.711  1.00 12.99 ? 210 VAL A CA  1 
ATOM   47  C C   . VAL A 1 9  ? -9.848  0.108   -3.705  1.00 12.79 ? 210 VAL A C   1 
ATOM   48  O O   . VAL A 1 9  ? -10.964 -0.111  -4.160  1.00 13.18 ? 210 VAL A O   1 
ATOM   49  C CB  . VAL A 1 9  ? -9.771  2.561   -3.459  1.00 13.55 ? 210 VAL A CB  1 
ATOM   50  C CG1 . VAL A 1 9  ? -9.873  3.698   -2.500  1.00 13.71 ? 210 VAL A CG1 1 
ATOM   51  C CG2 . VAL A 1 9  ? -8.623  2.774   -4.413  1.00 16.07 ? 210 VAL A CG2 1 
ATOM   52  N N   . TYR A 1 10 ? -8.779  -0.613  -4.041  1.00 13.27 ? 211 TYR A N   1 
ATOM   53  C CA  . TYR A 1 10 ? -8.861  -1.826  -4.900  1.00 13.28 ? 211 TYR A CA  1 
ATOM   54  C C   . TYR A 1 10 ? -7.945  -2.895  -4.335  1.00 13.93 ? 211 TYR A C   1 
ATOM   55  O O   . TYR A 1 10 ? -6.962  -2.588  -3.649  1.00 15.07 ? 211 TYR A O   1 
ATOM   56  C CB  . TYR A 1 10 ? -8.455  -1.586  -6.377  1.00 13.60 ? 211 TYR A CB  1 
ATOM   57  C CG  . TYR A 1 10 ? -8.947  -0.322  -6.991  1.00 11.94 ? 211 TYR A CG  1 
ATOM   58  C CD1 . TYR A 1 10 ? -10.307 -0.159  -7.292  1.00 9.92  ? 211 TYR A CD1 1 
ATOM   59  C CD2 . TYR A 1 10 ? -8.083  0.704   -7.335  1.00 13.09 ? 211 TYR A CD2 1 
ATOM   60  C CE1 . TYR A 1 10 ? -10.766 0.996   -7.860  1.00 11.36 ? 211 TYR A CE1 1 
ATOM   61  C CE2 . TYR A 1 10 ? -8.528  1.849   -7.887  1.00 12.79 ? 211 TYR A CE2 1 
ATOM   62  C CZ  . TYR A 1 10 ? -9.888  2.004   -8.186  1.00 11.63 ? 211 TYR A CZ  1 
ATOM   63  O OH  . TYR A 1 10 ? -10.325 3.161   -8.739  1.00 12.68 ? 211 TYR A OH  1 
ATOM   64  N N   . ASP A 1 11 ? -8.240  -4.146  -4.629  1.00 14.07 ? 212 ASP A N   1 
ATOM   65  C CA  . ASP A 1 11 ? -7.262  -5.214  -4.401  1.00 13.69 ? 212 ASP A CA  1 
ATOM   66  C C   . ASP A 1 11 ? -5.986  -5.003  -5.223  1.00 14.57 ? 212 ASP A C   1 
ATOM   67  O O   . ASP A 1 11 ? -6.018  -4.493  -6.341  1.00 15.20 ? 212 ASP A O   1 
ATOM   68  C CB  . ASP A 1 11 ? -7.810  -6.569  -4.810  1.00 14.59 ? 212 ASP A CB  1 
ATOM   69  C CG  . ASP A 1 11 ? -9.089  -6.925  -4.121  1.00 14.32 ? 212 ASP A CG  1 
ATOM   70  O OD1 . ASP A 1 11 ? -9.389  -6.464  -3.017  1.00 14.86 ? 212 ASP A OD1 1 
ATOM   71  O OD2 . ASP A 1 11 ? -9.833  -7.756  -4.715  1.00 18.81 ? 212 ASP A OD2 1 
ATOM   72  N N   . TYR A 1 12 ? -4.851  -5.387  -4.657  1.00 13.16 ? 213 TYR A N   1 
ATOM   73  C CA  . TYR A 1 12 ? -3.599  -5.405  -5.420  1.00 13.81 ? 213 TYR A CA  1 
ATOM   74  C C   . TYR A 1 12 ? -2.784  -6.613  -5.035  1.00 13.98 ? 213 TYR A C   1 
ATOM   75  O O   . TYR A 1 12 ? -2.651  -6.940  -3.835  1.00 14.53 ? 213 TYR A O   1 
ATOM   76  C CB  . TYR A 1 12 ? -2.779  -4.112  -5.213  1.00 13.57 ? 213 TYR A CB  1 
ATOM   77  C CG  . TYR A 1 12 ? -1.509  -4.069  -6.031  1.00 13.15 ? 213 TYR A CG  1 
ATOM   78  C CD1 . TYR A 1 12 ? -1.571  -3.851  -7.396  1.00 13.78 ? 213 TYR A CD1 1 
ATOM   79  C CD2 . TYR A 1 12 ? -0.242  -4.244  -5.448  1.00 12.71 ? 213 TYR A CD2 1 
ATOM   80  C CE1 . TYR A 1 12 ? -0.459  -3.854  -8.161  1.00 14.11 ? 213 TYR A CE1 1 
ATOM   81  C CE2 . TYR A 1 12 ? 0.919   -4.238  -6.232  1.00 12.52 ? 213 TYR A CE2 1 
ATOM   82  C CZ  . TYR A 1 12 ? 0.796   -4.053  -7.595  1.00 13.24 ? 213 TYR A CZ  1 
ATOM   83  O OH  . TYR A 1 12 ? 1.902   -4.028  -8.410  1.00 14.30 ? 213 TYR A OH  1 
ATOM   84  N N   . SER A 1 13 ? -2.252  -7.274  -6.055  1.00 13.51 ? 214 SER A N   1 
ATOM   85  C CA  . SER A 1 13 ? -1.390  -8.431  -5.885  1.00 12.96 ? 214 SER A CA  1 
ATOM   86  C C   . SER A 1 13 ? 0.042   -8.044  -6.197  1.00 12.72 ? 214 SER A C   1 
ATOM   87  O O   . SER A 1 13 ? 0.337   -7.598  -7.306  1.00 13.87 ? 214 SER A O   1 
ATOM   88  C CB  . SER A 1 13 ? -1.843  -9.549  -6.813  1.00 13.20 ? 214 SER A CB  1 
ATOM   89  O OG  . SER A 1 13 ? -3.137  -9.977  -6.496  1.00 18.75 ? 214 SER A OG  1 
ATOM   90  N N   . ALA A 1 14 ? 0.930   -8.178  -5.218  1.00 11.25 ? 215 ALA A N   1 
ATOM   91  C CA  . ALA A 1 14 ? 2.333   -7.862  -5.416  1.00 11.86 ? 215 ALA A CA  1 
ATOM   92  C C   . ALA A 1 14 ? 2.916   -8.586  -6.643  1.00 10.30 ? 215 ALA A C   1 
ATOM   93  O O   . ALA A 1 14 ? 2.739   -9.783  -6.825  1.00 11.03 ? 215 ALA A O   1 
ATOM   94  C CB  . ALA A 1 14 ? 3.139   -8.227  -4.192  1.00 13.67 ? 215 ALA A CB  1 
ATOM   95  N N   . ALA A 1 15 ? 3.618   -7.816  -7.453  1.00 11.71 ? 216 ALA A N   1 
ATOM   96  C CA  . ALA A 1 15 ? 4.260   -8.342  -8.652  1.00 11.28 ? 216 ALA A CA  1 
ATOM   97  C C   . ALA A 1 15 ? 5.546   -9.075  -8.309  1.00 12.23 ? 216 ALA A C   1 
ATOM   98  O O   . ALA A 1 15 ? 5.987   -9.957  -9.058  1.00 12.96 ? 216 ALA A O   1 
ATOM   99  C CB  . ALA A 1 15 ? 4.512   -7.219  -9.646  1.00 12.96 ? 216 ALA A CB  1 
ATOM   100 N N   . ASP A 1 16 ? 6.132   -8.774  -7.162  1.00 11.81 ? 217 ASP A N   1 
ATOM   101 C CA  . ASP A 1 16 ? 7.453   -9.218  -6.791  1.00 13.69 ? 217 ASP A CA  1 
ATOM   102 C C   . ASP A 1 16 ? 7.656   -9.112  -5.295  1.00 12.81 ? 217 ASP A C   1 
ATOM   103 O O   . ASP A 1 16 ? 6.757   -8.724  -4.560  1.00 15.07 ? 217 ASP A O   1 
ATOM   104 C CB  . ASP A 1 16 ? 8.494   -8.331  -7.497  1.00 13.67 ? 217 ASP A CB  1 
ATOM   105 C CG  . ASP A 1 16 ? 8.541   -6.865  -6.974  1.00 16.42 ? 217 ASP A CG  1 
ATOM   106 O OD1 . ASP A 1 16 ? 7.819   -6.487  -6.029  1.00 19.15 ? 217 ASP A OD1 1 
ATOM   107 O OD2 . ASP A 1 16 ? 9.335   -6.064  -7.506  1.00 22.49 ? 217 ASP A OD2 1 
ATOM   108 N N   . GLU A 1 17 ? 8.856   -9.386  -4.837  1.00 13.50 ? 218 GLU A N   1 
ATOM   109 C CA  . GLU A 1 17 ? 9.147   -9.476  -3.413  1.00 14.06 ? 218 GLU A CA  1 
ATOM   110 C C   . GLU A 1 17 ? 9.108   -8.121  -2.767  1.00 14.62 ? 218 GLU A C   1 
ATOM   111 O O   . GLU A 1 17 ? 8.760   -8.018  -1.620  1.00 15.70 ? 218 GLU A O   1 
ATOM   112 C CB  . GLU A 1 17 ? 10.529  -10.099 -3.176  1.00 15.46 ? 218 GLU A CB  1 
ATOM   113 C CG  . GLU A 1 17 ? 10.990  -9.966  -1.742  0.75 16.64 ? 218 GLU A CG  1 
ATOM   114 N N   . ASP A 1 18 ? 9.445   -7.062  -3.479  1.00 14.57 ? 219 ASP A N   1 
ATOM   115 C CA  . ASP A 1 18 ? 9.502   -5.748  -2.817  1.00 15.86 ? 219 ASP A CA  1 
ATOM   116 C C   . ASP A 1 18 ? 8.147   -5.033  -2.681  1.00 14.20 ? 219 ASP A C   1 
ATOM   117 O O   . ASP A 1 18 ? 8.034   -4.062  -1.912  1.00 14.33 ? 219 ASP A O   1 
ATOM   118 C CB  . ASP A 1 18 ? 10.569  -4.855  -3.460  1.00 17.23 ? 219 ASP A CB  1 
ATOM   119 C CG  . ASP A 1 18 ? 12.007  -5.307  -3.115  1.00 20.84 ? 219 ASP A CG  1 
ATOM   120 O OD1 . ASP A 1 18 ? 12.231  -6.108  -2.167  1.00 24.64 ? 219 ASP A OD1 1 
ATOM   121 O OD2 . ASP A 1 18 ? 12.932  -4.835  -3.782  1.00 26.87 ? 219 ASP A OD2 1 
ATOM   122 N N   . GLU A 1 19 ? 7.144   -5.473  -3.428  1.00 13.10 ? 220 GLU A N   1 
ATOM   123 C CA  . GLU A 1 19 ? 5.784   -4.951  -3.303  1.00 12.39 ? 220 GLU A CA  1 
ATOM   124 C C   . GLU A 1 19 ? 5.006   -5.698  -2.222  1.00 11.05 ? 220 GLU A C   1 
ATOM   125 O O   . GLU A 1 19 ? 5.391   -6.763  -1.718  1.00 11.58 ? 220 GLU A O   1 
ATOM   126 C CB  . GLU A 1 19 ? 5.077   -5.075  -4.652  1.00 11.74 ? 220 GLU A CB  1 
ATOM   127 C CG  . GLU A 1 19 ? 5.701   -4.193  -5.718  1.00 12.76 ? 220 GLU A CG  1 
ATOM   128 C CD  . GLU A 1 19 ? 5.039   -4.284  -7.068  1.00 12.92 ? 220 GLU A CD  1 
ATOM   129 O OE1 . GLU A 1 19 ? 3.953   -4.903  -7.198  1.00 12.54 ? 220 GLU A OE1 1 
ATOM   130 O OE2 . GLU A 1 19 ? 5.626   -3.698  -8.037  1.00 13.81 ? 220 GLU A OE2 1 
ATOM   131 N N   . VAL A 1 20 ? 3.832   -5.145  -1.896  1.00 11.41 ? 221 VAL A N   1 
ATOM   132 C CA  . VAL A 1 20 ? 2.873   -5.704  -0.929  1.00 12.36 ? 221 VAL A CA  1 
ATOM   133 C C   . VAL A 1 20 ? 1.584   -6.028  -1.624  1.00 12.62 ? 221 VAL A C   1 
ATOM   134 O O   . VAL A 1 20 ? 1.295   -5.452  -2.691  1.00 15.41 ? 221 VAL A O   1 
ATOM   135 C CB  . VAL A 1 20 ? 2.546   -4.746  0.244   1.00 12.89 ? 221 VAL A CB  1 
ATOM   136 C CG1 . VAL A 1 20 ? 3.773   -4.581  1.090   1.00 15.86 ? 221 VAL A CG1 1 
ATOM   137 C CG2 . VAL A 1 20 ? 2.025   -3.424  -0.229  1.00 15.39 ? 221 VAL A CG2 1 
ATOM   138 N N   . SER A 1 21 ? 0.844   -6.956  -1.045  1.00 12.69 ? 222 SER A N   1 
ATOM   139 C CA  . SER A 1 21 ? -0.485  -7.316  -1.529  1.00 11.62 ? 222 SER A CA  1 
ATOM   140 C C   . SER A 1 21 ? -1.473  -6.800  -0.505  1.00 11.33 ? 222 SER A C   1 
ATOM   141 O O   . SER A 1 21 ? -1.156  -6.679  0.683   1.00 13.05 ? 222 SER A O   1 
ATOM   142 C CB  . SER A 1 21 ? -0.637  -8.825  -1.659  1.00 10.98 ? 222 SER A CB  1 
ATOM   143 O OG  . SER A 1 21 ? 0.302   -9.367  -2.589  1.00 13.22 ? 222 SER A OG  1 
ATOM   144 N N   . PHE A 1 22 ? -2.674  -6.484  -0.962  1.00 11.96 ? 223 PHE A N   1 
ATOM   145 C CA  . PHE A 1 22 ? -3.709  -5.966  -0.083  1.00 11.07 ? 223 PHE A CA  1 
ATOM   146 C C   . PHE A 1 22 ? -5.060  -6.096  -0.760  1.00 11.33 ? 223 PHE A C   1 
ATOM   147 O O   . PHE A 1 22 ? -5.161  -6.351  -1.962  1.00 12.73 ? 223 PHE A O   1 
ATOM   148 C CB  . PHE A 1 22 ? -3.433  -4.524  0.384   1.00 11.72 ? 223 PHE A CB  1 
ATOM   149 C CG  . PHE A 1 22 ? -3.166  -3.553  -0.704  1.00 11.56 ? 223 PHE A CG  1 
ATOM   150 C CD1 . PHE A 1 22 ? -4.191  -2.931  -1.429  1.00 12.05 ? 223 PHE A CD1 1 
ATOM   151 C CD2 . PHE A 1 22 ? -1.846  -3.229  -0.996  1.00 12.71 ? 223 PHE A CD2 1 
ATOM   152 C CE1 . PHE A 1 22 ? -3.886  -2.011  -2.382  1.00 12.90 ? 223 PHE A CE1 1 
ATOM   153 C CE2 . PHE A 1 22 ? -1.541  -2.279  -1.978  1.00 14.92 ? 223 PHE A CE2 1 
ATOM   154 C CZ  . PHE A 1 22 ? -2.553  -1.682  -2.679  1.00 13.76 ? 223 PHE A CZ  1 
ATOM   155 N N   . GLN A 1 23 ? -6.089  -5.925  0.061   1.00 11.24 ? 224 GLN A N   1 
ATOM   156 C CA  . GLN A 1 23 ? -7.469  -5.972  -0.384  1.00 12.44 ? 224 GLN A CA  1 
ATOM   157 C C   . GLN A 1 23 ? -8.123  -4.602  -0.220  1.00 11.17 ? 224 GLN A C   1 
ATOM   158 O O   . GLN A 1 23 ? -7.809  -3.848  0.671   1.00 11.46 ? 224 GLN A O   1 
ATOM   159 C CB  . GLN A 1 23 ? -8.249  -7.026  0.387   1.00 12.00 ? 224 GLN A CB  1 
ATOM   160 C CG  . GLN A 1 23 ? -7.745  -8.436  0.101   1.00 15.50 ? 224 GLN A CG  1 
ATOM   161 C CD  . GLN A 1 23 ? -8.663  -9.522  0.631   1.00 17.75 ? 224 GLN A CD  1 
ATOM   162 O OE1 . GLN A 1 23 ? -9.896  -9.465  0.475   1.00 22.92 ? 224 GLN A OE1 1 
ATOM   163 N NE2 . GLN A 1 23 ? -8.065  -10.537 1.245   1.00 19.98 ? 224 GLN A NE2 1 
ATOM   164 N N   . ASP A 1 24 ? -9.137  -4.371  -1.045  1.00 11.59 ? 225 ASP A N   1 
ATOM   165 C CA  . ASP A 1 24 ? -10.007 -3.209  -0.929  1.00 12.01 ? 225 ASP A CA  1 
ATOM   166 C C   . ASP A 1 24 ? -10.444 -3.080  0.507   1.00 11.89 ? 225 ASP A C   1 
ATOM   167 O O   . ASP A 1 24 ? -10.881 -4.057  1.109   1.00 12.97 ? 225 ASP A O   1 
ATOM   168 C CB  . ASP A 1 24 ? -11.201 -3.394  -1.866  1.00 13.79 ? 225 ASP A CB  1 
ATOM   169 C CG  . ASP A 1 24 ? -12.355 -2.450  -1.590  1.00 15.76 ? 225 ASP A CG  1 
ATOM   170 O OD1 . ASP A 1 24 ? -12.111 -1.303  -1.201  1.00 17.05 ? 225 ASP A OD1 1 
ATOM   171 O OD2 . ASP A 1 24 ? -13.519 -2.862  -1.802  1.00 23.74 ? 225 ASP A OD2 1 
ATOM   172 N N   . GLY A 1 25 ? -10.292 -1.908  1.057   1.00 11.22 ? 226 GLY A N   1 
ATOM   173 C CA  . GLY A 1 25 ? -10.672 -1.660  2.458   1.00 10.47 ? 226 GLY A CA  1 
ATOM   174 C C   . GLY A 1 25 ? -9.536  -1.770  3.494   1.00 10.86 ? 226 GLY A C   1 
ATOM   175 O O   . GLY A 1 25 ? -9.714  -1.349  4.624   1.00 12.62 ? 226 GLY A O   1 
ATOM   176 N N   . ASP A 1 26 ? -8.400  -2.347  3.137   1.00 10.43 ? 227 ASP A N   1 
ATOM   177 C CA  . ASP A 1 26 ? -7.273  -2.458  4.040   1.00 11.06 ? 227 ASP A CA  1 
ATOM   178 C C   . ASP A 1 26 ? -6.697  -1.107  4.338   1.00 11.50 ? 227 ASP A C   1 
ATOM   179 O O   . ASP A 1 26 ? -6.632  -0.208  3.510   1.00 12.80 ? 227 ASP A O   1 
ATOM   180 C CB  . ASP A 1 26 ? -6.164  -3.345  3.447   1.00 10.21 ? 227 ASP A CB  1 
ATOM   181 C CG  . ASP A 1 26 ? -6.412  -4.814  3.582   1.00 11.87 ? 227 ASP A CG  1 
ATOM   182 O OD1 . ASP A 1 26 ? -7.198  -5.196  4.442   1.00 13.95 ? 227 ASP A OD1 1 
ATOM   183 O OD2 . ASP A 1 26 ? -5.819  -5.597  2.811   1.00 13.33 ? 227 ASP A OD2 1 
ATOM   184 N N   . THR A 1 27 ? -6.235  -0.949  5.562   1.00 12.40 ? 228 THR A N   1 
ATOM   185 C CA  . THR A 1 27 ? -5.547  0.249   5.999   1.00 11.94 ? 228 THR A CA  1 
ATOM   186 C C   . THR A 1 27 ? -4.058  0.040   5.852   1.00 12.60 ? 228 THR A C   1 
ATOM   187 O O   . THR A 1 27 ? -3.561  -0.986  6.184   1.00 12.65 ? 228 THR A O   1 
ATOM   188 C CB  . THR A 1 27 ? -5.897  0.609   7.468   1.00 12.70 ? 228 THR A CB  1 
ATOM   189 O OG1 . THR A 1 27 ? -7.317  0.644   7.602   1.00 15.09 ? 228 THR A OG1 1 
ATOM   190 C CG2 . THR A 1 27 ? -5.348  1.962   7.828   1.00 15.64 ? 228 THR A CG2 1 
ATOM   191 N N   . ILE A 1 28 ? -3.416  1.040   5.308   1.00 12.35 ? 229 ILE A N   1 
ATOM   192 C CA  . ILE A 1 28 ? -1.974  1.056   5.092   1.00 14.35 ? 229 ILE A CA  1 
ATOM   193 C C   . ILE A 1 28 ? -1.452  2.170   6.007   1.00 14.36 ? 229 ILE A C   1 
ATOM   194 O O   . ILE A 1 28 ? -1.881  3.326   5.915   1.00 13.72 ? 229 ILE A O   1 
ATOM   195 C CB  . ILE A 1 28 ? -1.594  1.415   3.616   1.00 14.08 ? 229 ILE A CB  1 
ATOM   196 C CG1 . ILE A 1 28 ? -2.535  0.770   2.599   1.00 18.02 ? 229 ILE A CG1 1 
ATOM   197 C CG2 . ILE A 1 28 ? -0.106  1.122   3.381   1.00 16.37 ? 229 ILE A CG2 1 
ATOM   198 C CD1 . ILE A 1 28 ? -2.607  -0.654  2.713   1.00 20.28 ? 229 ILE A CD1 1 
ATOM   199 N N   . VAL A 1 29 ? -0.483  1.819   6.844   1.00 14.87 ? 230 VAL A N   1 
ATOM   200 C CA  . VAL A 1 29 ? 0.056   2.772   7.804   1.00 14.81 ? 230 VAL A CA  1 
ATOM   201 C C   . VAL A 1 29 ? 1.556   2.991   7.619   1.00 13.37 ? 230 VAL A C   1 
ATOM   202 O O   . VAL A 1 29 ? 2.253   2.274   6.871   1.00 11.12 ? 230 VAL A O   1 
ATOM   203 C CB  . VAL A 1 29 ? -0.222  2.347   9.236   1.00 16.12 ? 230 VAL A CB  1 
ATOM   204 C CG1 . VAL A 1 29 ? -1.729  2.292   9.433   1.00 17.81 ? 230 VAL A CG1 1 
ATOM   205 C CG2 . VAL A 1 29 ? 0.432   1.047   9.569   1.00 15.45 ? 230 VAL A CG2 1 
ATOM   206 N N   . ASN A 1 30 ? 2.044   4.038   8.269   1.00 12.64 ? 231 ASN A N   1 
ATOM   207 C CA  . ASN A 1 30 ? 3.446   4.422   8.190   1.00 12.95 ? 231 ASN A CA  1 
ATOM   208 C C   . ASN A 1 30 ? 3.894   4.638   6.765   1.00 13.66 ? 231 ASN A C   1 
ATOM   209 O O   . ASN A 1 30 ? 4.990   4.217   6.363   1.00 13.87 ? 231 ASN A O   1 
ATOM   210 C CB  . ASN A 1 30 ? 4.339   3.418   8.945   1.00 12.73 ? 231 ASN A CB  1 
ATOM   211 C CG  . ASN A 1 30 ? 4.117   3.475   10.414  1.00 13.81 ? 231 ASN A CG  1 
ATOM   212 O OD1 . ASN A 1 30 ? 4.037   4.551   10.980  1.00 18.37 ? 231 ASN A OD1 1 
ATOM   213 N ND2 . ASN A 1 30 ? 4.018   2.319   11.045  1.00 13.09 ? 231 ASN A ND2 1 
ATOM   214 N N   . VAL A 1 31 ? 3.030   5.279   5.985   1.00 14.03 ? 232 VAL A N   1 
ATOM   215 C CA  . VAL A 1 31 ? 3.294   5.439   4.569   1.00 15.40 ? 232 VAL A CA  1 
ATOM   216 C C   . VAL A 1 31 ? 4.273   6.546   4.277   1.00 14.94 ? 232 VAL A C   1 
ATOM   217 O O   . VAL A 1 31 ? 4.063   7.666   4.754   1.00 15.49 ? 232 VAL A O   1 
ATOM   218 C CB  . VAL A 1 31 ? 1.985   5.684   3.805   1.00 15.73 ? 232 VAL A CB  1 
ATOM   219 C CG1 . VAL A 1 31 ? 2.280   5.924   2.325   1.00 19.19 ? 232 VAL A CG1 1 
ATOM   220 C CG2 . VAL A 1 31 ? 1.078   4.480   3.963   1.00 18.83 ? 232 VAL A CG2 1 
ATOM   221 N N   . GLN A 1 32 ? 5.358   6.228   3.548   1.00 13.99 ? 233 GLN A N   1 
ATOM   222 C CA  . GLN A 1 32 ? 6.319   7.198   3.004   1.00 15.26 ? 233 GLN A CA  1 
ATOM   223 C C   . GLN A 1 32 ? 6.211   7.157   1.463   1.00 14.38 ? 233 GLN A C   1 
ATOM   224 O O   . GLN A 1 32 ? 6.101   6.096   0.867   1.00 14.49 ? 233 GLN A O   1 
ATOM   225 C CB  . GLN A 1 32 ? 7.771   6.862   3.451   1.00 15.43 ? 233 GLN A CB  1 
ATOM   226 C CG  . GLN A 1 32 ? 8.014   6.919   4.989   1.00 18.24 ? 233 GLN A CG  1 
ATOM   227 C CD  . GLN A 1 32 ? 9.476   6.701   5.442   1.00 18.36 ? 233 GLN A CD  1 
ATOM   228 O OE1 . GLN A 1 32 ? 10.343  7.529   5.197   1.00 21.93 ? 233 GLN A OE1 1 
ATOM   229 N NE2 . GLN A 1 32 ? 9.732   5.575   6.127   1.00 21.42 ? 233 GLN A NE2 1 
ATOM   230 N N   . GLN A 1 33 ? 6.293   8.313   0.813   1.00 14.65 ? 234 GLN A N   1 
ATOM   231 C CA  . GLN A 1 33 ? 6.245   8.424   -0.646  1.00 14.33 ? 234 GLN A CA  1 
ATOM   232 C C   . GLN A 1 33 ? 7.599   8.124   -1.229  1.00 15.16 ? 234 GLN A C   1 
ATOM   233 O O   . GLN A 1 33 ? 8.585   8.699   -0.788  1.00 17.47 ? 234 GLN A O   1 
ATOM   234 C CB  . GLN A 1 33 ? 5.914   9.862   -1.068  1.00 15.11 ? 234 GLN A CB  1 
ATOM   235 C CG  . GLN A 1 33 ? 4.689   10.371  -0.475  1.00 17.73 ? 234 GLN A CG  1 
ATOM   236 C CD  . GLN A 1 33 ? 3.435   9.566   -0.789  1.00 19.52 ? 234 GLN A CD  1 
ATOM   237 O OE1 . GLN A 1 33 ? 3.165   9.202   -1.965  1.00 18.27 ? 234 GLN A OE1 1 
ATOM   238 N NE2 . GLN A 1 33 ? 2.584   9.360   0.269   1.00 18.90 ? 234 GLN A NE2 1 
ATOM   239 N N   . ILE A 1 34 ? 7.644   7.290   -2.253  1.00 13.58 ? 235 ILE A N   1 
ATOM   240 C CA  . ILE A 1 34 ? 8.892   6.946   -2.951  1.00 14.18 ? 235 ILE A CA  1 
ATOM   241 C C   . ILE A 1 34 ? 9.029   7.736   -4.213  1.00 14.65 ? 235 ILE A C   1 
ATOM   242 O O   . ILE A 1 34 ? 10.053  8.416   -4.416  1.00 15.87 ? 235 ILE A O   1 
ATOM   243 C CB  . ILE A 1 34 ? 8.961   5.448   -3.312  1.00 14.62 ? 235 ILE A CB  1 
ATOM   244 C CG1 . ILE A 1 34 ? 8.849   4.622   -2.049  1.00 15.81 ? 235 ILE A CG1 1 
ATOM   245 C CG2 . ILE A 1 34 ? 10.259  5.196   -4.127  1.00 15.50 ? 235 ILE A CG2 1 
ATOM   246 C CD1 . ILE A 1 34 ? 9.748   5.052   -0.919  1.00 20.36 ? 235 ILE A CD1 1 
ATOM   247 N N   . ASP A 1 35 ? 8.024   7.698   -5.070  1.00 13.28 ? 236 ASP A N   1 
ATOM   248 C CA  . ASP A 1 35 ? 7.999   8.576   -6.221  1.00 13.10 ? 236 ASP A CA  1 
ATOM   249 C C   . ASP A 1 35 ? 6.581   8.844   -6.632  1.00 13.86 ? 236 ASP A C   1 
ATOM   250 O O   . ASP A 1 35 ? 5.671   8.604   -5.856  1.00 13.81 ? 236 ASP A O   1 
ATOM   251 C CB  . ASP A 1 35 ? 8.868   8.082   -7.361  1.00 15.25 ? 236 ASP A CB  1 
ATOM   252 C CG  . ASP A 1 35 ? 8.406   6.788   -7.906  1.00 14.44 ? 236 ASP A CG  1 
ATOM   253 O OD1 . ASP A 1 35 ? 7.240   6.434   -7.711  1.00 18.73 ? 236 ASP A OD1 1 
ATOM   254 O OD2 . ASP A 1 35 ? 9.207   6.144   -8.627  1.00 20.95 ? 236 ASP A OD2 1 
ATOM   255 N N   . ASP A 1 36 ? 6.394   9.415   -7.824  1.00 14.58 ? 237 ASP A N   1 
ATOM   256 C CA  . ASP A 1 36 ? 5.053   9.745   -8.307  1.00 16.68 ? 237 ASP A CA  1 
ATOM   257 C C   . ASP A 1 36 ? 4.081   8.551   -8.337  1.00 17.61 ? 237 ASP A C   1 
ATOM   258 O O   . ASP A 1 36 ? 2.879   8.716   -8.133  1.00 19.71 ? 237 ASP A O   1 
ATOM   259 C CB  . ASP A 1 36 ? 5.134   10.456  -9.687  1.00 17.04 ? 237 ASP A CB  1 
ATOM   260 C CG  . ASP A 1 36 ? 6.051   9.744   -10.705 1.00 19.31 ? 237 ASP A CG  1 
ATOM   261 O OD1 . ASP A 1 36 ? 7.267   9.527   -10.423 1.00 27.82 ? 237 ASP A OD1 1 
ATOM   262 O OD2 . ASP A 1 36 ? 5.567   9.402   -11.816 1.00 25.69 ? 237 ASP A OD2 1 
ATOM   263 N N   . GLY A 1 37 ? 4.592   7.358   -8.583  1.00 17.36 ? 238 GLY A N   1 
ATOM   264 C CA  . GLY A 1 37 ? 3.743   6.174   -8.696  1.00 16.73 ? 238 GLY A CA  1 
ATOM   265 C C   . GLY A 1 37 ? 3.584   5.350   -7.434  1.00 16.15 ? 238 GLY A C   1 
ATOM   266 O O   . GLY A 1 37 ? 2.720   4.460   -7.386  1.00 16.97 ? 238 GLY A O   1 
ATOM   267 N N   . TRP A 1 38 ? 4.459   5.563   -6.446  1.00 14.95 ? 239 TRP A N   1 
ATOM   268 C CA  . TRP A 1 38 ? 4.773   4.498   -5.482  1.00 13.32 ? 239 TRP A CA  1 
ATOM   269 C C   . TRP A 1 38 ? 4.950   5.026   -4.079  1.00 12.50 ? 239 TRP A C   1 
ATOM   270 O O   . TRP A 1 38 ? 5.537   6.100   -3.879  1.00 11.79 ? 239 TRP A O   1 
ATOM   271 C CB  . TRP A 1 38 ? 6.023   3.721   -5.915  1.00 14.46 ? 239 TRP A CB  1 
ATOM   272 C CG  . TRP A 1 38 ? 5.723   2.959   -7.137  1.00 14.02 ? 239 TRP A CG  1 
ATOM   273 C CD1 . TRP A 1 38 ? 5.908   3.373   -8.429  1.00 15.74 ? 239 TRP A CD1 1 
ATOM   274 C CD2 . TRP A 1 38 ? 5.171   1.647   -7.220  1.00 14.46 ? 239 TRP A CD2 1 
ATOM   275 N NE1 . TRP A 1 38 ? 5.462   2.435   -9.297  1.00 15.24 ? 239 TRP A NE1 1 
ATOM   276 C CE2 . TRP A 1 38 ? 5.035   1.348   -8.585  1.00 12.03 ? 239 TRP A CE2 1 
ATOM   277 C CE3 . TRP A 1 38 ? 4.772   0.703   -6.280  1.00 13.15 ? 239 TRP A CE3 1 
ATOM   278 C CZ2 . TRP A 1 38 ? 4.498   0.157   -9.022  1.00 14.73 ? 239 TRP A CZ2 1 
ATOM   279 C CZ3 . TRP A 1 38 ? 4.254   -0.465  -6.712  1.00 14.72 ? 239 TRP A CZ3 1 
ATOM   280 C CH2 . TRP A 1 38 ? 4.131   -0.741  -8.083  1.00 13.79 ? 239 TRP A CH2 1 
ATOM   281 N N   A MET A 1 39 ? 4.395   4.291   -3.123  0.50 12.02 ? 240 MET A N   1 
ATOM   282 N N   B MET A 1 39 ? 4.394   4.298   -3.123  0.50 12.35 ? 240 MET A N   1 
ATOM   283 C CA  A MET A 1 39 ? 4.586   4.557   -1.708  0.50 12.39 ? 240 MET A CA  1 
ATOM   284 C CA  B MET A 1 39 ? 4.622   4.559   -1.715  0.50 12.97 ? 240 MET A CA  1 
ATOM   285 C C   A MET A 1 39 ? 5.132   3.298   -1.051  0.50 11.74 ? 240 MET A C   1 
ATOM   286 C C   B MET A 1 39 ? 5.246   3.324   -1.098  0.50 12.13 ? 240 MET A C   1 
ATOM   287 O O   A MET A 1 39 ? 5.061   2.198   -1.605  0.50 11.52 ? 240 MET A O   1 
ATOM   288 O O   B MET A 1 39 ? 5.405   2.287   -1.758  0.50 12.03 ? 240 MET A O   1 
ATOM   289 C CB  A MET A 1 39 ? 3.262   4.887   -1.020  0.50 12.91 ? 240 MET A CB  1 
ATOM   290 C CB  B MET A 1 39 ? 3.309   4.871   -1.004  0.50 13.76 ? 240 MET A CB  1 
ATOM   291 C CG  A MET A 1 39 ? 2.385   5.841   -1.767  0.50 11.55 ? 240 MET A CG  1 
ATOM   292 C CG  B MET A 1 39 ? 2.725   6.168   -1.452  0.50 14.37 ? 240 MET A CG  1 
ATOM   293 S SD  A MET A 1 39 ? 0.712   5.794   -1.188  0.50 15.51 ? 240 MET A SD  1 
ATOM   294 S SD  B MET A 1 39 ? 1.100   6.601   -0.803  0.50 15.41 ? 240 MET A SD  1 
ATOM   295 C CE  A MET A 1 39 ? 0.095   7.327   -1.844  0.50 10.35 ? 240 MET A CE  1 
ATOM   296 C CE  B MET A 1 39 ? 0.239   5.185   -1.457  0.50 14.48 ? 240 MET A CE  1 
ATOM   297 N N   . TYR A 1 40 ? 5.633   3.463   0.163   1.00 12.50 ? 241 TYR A N   1 
ATOM   298 C CA  . TYR A 1 40 ? 6.142   2.364   0.983   1.00 11.98 ? 241 TYR A CA  1 
ATOM   299 C C   . TYR A 1 40 ? 5.394   2.420   2.277   1.00 11.88 ? 241 TYR A C   1 
ATOM   300 O O   . TYR A 1 40 ? 5.258   3.462   2.869   1.00 13.18 ? 241 TYR A O   1 
ATOM   301 C CB  . TYR A 1 40 ? 7.649   2.565   1.235   1.00 13.03 ? 241 TYR A CB  1 
ATOM   302 C CG  . TYR A 1 40 ? 8.351   1.386   1.858   1.00 13.45 ? 241 TYR A CG  1 
ATOM   303 C CD1 . TYR A 1 40 ? 9.023   0.449   1.069   1.00 14.75 ? 241 TYR A CD1 1 
ATOM   304 C CD2 . TYR A 1 40 ? 8.396   1.234   3.242   1.00 14.83 ? 241 TYR A CD2 1 
ATOM   305 C CE1 . TYR A 1 40 ? 9.666   -0.646  1.661   1.00 12.70 ? 241 TYR A CE1 1 
ATOM   306 C CE2 . TYR A 1 40 ? 9.044   0.176   3.831   1.00 15.02 ? 241 TYR A CE2 1 
ATOM   307 C CZ  . TYR A 1 40 ? 9.679   -0.752  3.040   1.00 13.08 ? 241 TYR A CZ  1 
ATOM   308 O OH  . TYR A 1 40 ? 10.342  -1.825  3.652   1.00 16.39 ? 241 TYR A OH  1 
ATOM   309 N N   . GLY A 1 41 ? 4.892   1.300   2.738   1.00 11.29 ? 242 GLY A N   1 
ATOM   310 C CA  . GLY A 1 41 ? 4.127   1.262   3.949   1.00 11.57 ? 242 GLY A CA  1 
ATOM   311 C C   . GLY A 1 41 ? 3.735   -0.142  4.340   1.00 11.47 ? 242 GLY A C   1 
ATOM   312 O O   . GLY A 1 41 ? 4.194   -1.099  3.698   1.00 11.98 ? 242 GLY A O   1 
ATOM   313 N N   . THR A 1 42 ? 2.918   -0.249  5.383   1.00 11.97 ? 243 THR A N   1 
ATOM   314 C CA  . THR A 1 42 ? 2.571   -1.548  5.919   1.00 12.09 ? 243 THR A CA  1 
ATOM   315 C C   . THR A 1 42 ? 1.070   -1.767  5.819   1.00 12.96 ? 243 THR A C   1 
ATOM   316 O O   . THR A 1 42 ? 0.289   -0.921  6.286   1.00 12.70 ? 243 THR A O   1 
ATOM   317 C CB  . THR A 1 42 ? 2.986   -1.643  7.415   1.00 11.69 ? 243 THR A CB  1 
ATOM   318 O OG1 . THR A 1 42 ? 4.406   -1.433  7.510   1.00 15.38 ? 243 THR A OG1 1 
ATOM   319 C CG2 . THR A 1 42 ? 2.641   -3.014  7.993   1.00 12.64 ? 243 THR A CG2 1 
ATOM   320 N N   . VAL A 1 43 ? 0.696   -2.929  5.291   1.00 12.83 ? 244 VAL A N   1 
ATOM   321 C CA  . VAL A 1 43 ? -0.709  -3.332  5.237   1.00 13.17 ? 244 VAL A CA  1 
ATOM   322 C C   . VAL A 1 43 ? -0.999  -3.869  6.648   1.00 13.04 ? 244 VAL A C   1 
ATOM   323 O O   . VAL A 1 43 ? -0.511  -4.955  7.030   1.00 12.95 ? 244 VAL A O   1 
ATOM   324 C CB  . VAL A 1 43 ? -0.916  -4.446  4.215   1.00 12.32 ? 244 VAL A CB  1 
ATOM   325 C CG1 . VAL A 1 43 ? -2.425  -4.863  4.198   1.00 13.66 ? 244 VAL A CG1 1 
ATOM   326 C CG2 . VAL A 1 43 ? -0.442  -4.015  2.856   1.00 14.64 ? 244 VAL A CG2 1 
ATOM   327 N N   . GLU A 1 44 ? -1.788  -3.156  7.453   1.00 12.64 ? 245 GLU A N   1 
ATOM   328 C CA  . GLU A 1 44 ? -1.935  -3.530  8.856   1.00 14.77 ? 245 GLU A CA  1 
ATOM   329 C C   . GLU A 1 44 ? -2.422  -4.985  9.007   1.00 13.72 ? 245 GLU A C   1 
ATOM   330 O O   . GLU A 1 44 ? -1.904  -5.780  9.815   1.00 14.42 ? 245 GLU A O   1 
ATOM   331 C CB  . GLU A 1 44 ? -2.905  -2.583  9.531   1.00 14.35 ? 245 GLU A CB  1 
ATOM   332 C CG  . GLU A 1 44 ? -2.559  -1.109  9.549   1.00 18.28 ? 245 GLU A CG  1 
ATOM   333 C CD  . GLU A 1 44 ? -3.301  -0.376  10.652  1.00 19.49 ? 245 GLU A CD  1 
ATOM   334 O OE1 . GLU A 1 44 ? -4.316  0.280   10.320  1.00 22.56 ? 245 GLU A OE1 1 
ATOM   335 O OE2 . GLU A 1 44 ? -2.904  -0.483  11.842  1.00 23.66 ? 245 GLU A OE2 1 
ATOM   336 N N   . ARG A 1 45 ? -3.481  -5.329  8.279   1.00 10.87 ? 246 ARG A N   1 
ATOM   337 C CA  . ARG A 1 45 ? -4.138  -6.627  8.497   1.00 10.54 ? 246 ARG A CA  1 
ATOM   338 C C   . ARG A 1 45 ? -3.229  -7.828  8.256   1.00 12.45 ? 246 ARG A C   1 
ATOM   339 O O   . ARG A 1 45 ? -3.393  -8.877  8.880   1.00 14.55 ? 246 ARG A O   1 
ATOM   340 C CB  . ARG A 1 45 ? -5.369  -6.728  7.604   1.00 8.84  ? 246 ARG A CB  1 
ATOM   341 C CG  . ARG A 1 45 ? -6.117  -8.021  7.691   1.00 7.14  ? 246 ARG A CG  1 
ATOM   342 C CD  . ARG A 1 45 ? -7.330  -8.038  6.774   1.00 9.82  ? 246 ARG A CD  1 
ATOM   343 N NE  . ARG A 1 45 ? -6.928  -7.806  5.404   1.00 11.25 ? 246 ARG A NE  1 
ATOM   344 C CZ  . ARG A 1 45 ? -6.400  -8.707  4.578   1.00 11.01 ? 246 ARG A CZ  1 
ATOM   345 N NH1 . ARG A 1 45 ? -6.327  -9.998  4.904   1.00 11.56 ? 246 ARG A NH1 1 
ATOM   346 N NH2 . ARG A 1 45 ? -6.026  -8.294  3.401   1.00 11.53 ? 246 ARG A NH2 1 
ATOM   347 N N   . THR A 1 46 ? -2.294  -7.729  7.330   1.00 13.76 ? 247 THR A N   1 
ATOM   348 C CA  . THR A 1 46 ? -1.396  -8.837  7.063   1.00 14.31 ? 247 THR A CA  1 
ATOM   349 C C   . THR A 1 46 ? 0.008   -8.659  7.618   1.00 15.45 ? 247 THR A C   1 
ATOM   350 O O   . THR A 1 46 ? 0.779   -9.613  7.587   1.00 17.15 ? 247 THR A O   1 
ATOM   351 C CB  . THR A 1 46 ? -1.255  -9.082  5.586   1.00 14.53 ? 247 THR A CB  1 
ATOM   352 O OG1 . THR A 1 46 ? -0.819  -7.874  4.971   1.00 14.98 ? 247 THR A OG1 1 
ATOM   353 C CG2 . THR A 1 46 ? -2.576  -9.514  4.987   1.00 16.35 ? 247 THR A CG2 1 
ATOM   354 N N   . GLY A 1 47 ? 0.385   -7.444  8.023   1.00 16.35 ? 248 GLY A N   1 
ATOM   355 C CA  . GLY A 1 47 ? 1.787   -7.168  8.417   1.00 16.22 ? 248 GLY A CA  1 
ATOM   356 C C   . GLY A 1 47 ? 2.778   -7.060  7.259   1.00 17.12 ? 248 GLY A C   1 
ATOM   357 O O   . GLY A 1 47 ? 4.001   -7.065  7.489   1.00 20.43 ? 248 GLY A O   1 
ATOM   358 N N   . ASP A 1 48 ? 2.295   -6.970  6.026   1.00 16.16 ? 249 ASP A N   1 
ATOM   359 C CA  A ASP A 1 48 ? 3.128   -6.941  4.802   0.50 15.39 ? 249 ASP A CA  1 
ATOM   360 C CA  B ASP A 1 48 ? 3.209   -6.917  4.902   0.50 15.34 ? 249 ASP A CA  1 
ATOM   361 C C   . ASP A 1 48 ? 3.656   -5.503  4.633   1.00 14.82 ? 249 ASP A C   1 
ATOM   362 O O   . ASP A 1 48 ? 2.855   -4.572  4.601   1.00 14.95 ? 249 ASP A O   1 
ATOM   363 C CB  A ASP A 1 48 ? 2.268   -7.367  3.569   0.50 15.48 ? 249 ASP A CB  1 
ATOM   364 C CB  B ASP A 1 48 ? 2.597   -7.564  3.683   0.50 15.87 ? 249 ASP A CB  1 
ATOM   365 C CG  A ASP A 1 48 ? 3.096   -7.918  2.369   0.50 15.62 ? 249 ASP A CG  1 
ATOM   366 C CG  B ASP A 1 48 ? 2.455   -9.047  3.864   0.50 15.20 ? 249 ASP A CG  1 
ATOM   367 O OD1 A ASP A 1 48 ? 4.340   -8.046  2.443   0.50 15.53 ? 249 ASP A OD1 1 
ATOM   368 O OD1 B ASP A 1 48 ? 3.026   -9.551  4.860   0.50 18.42 ? 249 ASP A OD1 1 
ATOM   369 O OD2 A ASP A 1 48 ? 2.478   -8.200  1.307   0.50 14.52 ? 249 ASP A OD2 1 
ATOM   370 O OD2 B ASP A 1 48 ? 1.812   -9.675  3.012   0.50 19.03 ? 249 ASP A OD2 1 
ATOM   371 N N   . THR A 1 49 ? 4.978   -5.330  4.535   1.00 13.57 ? 250 THR A N   1 
ATOM   372 C CA  . THR A 1 49 ? 5.555   -4.003  4.346   1.00 12.34 ? 250 THR A CA  1 
ATOM   373 C C   . THR A 1 49 ? 6.294   -3.984  3.048   1.00 12.50 ? 250 THR A C   1 
ATOM   374 O O   . THR A 1 49 ? 7.029   -4.924  2.751   1.00 12.50 ? 250 THR A O   1 
ATOM   375 C CB  . THR A 1 49 ? 6.550   -3.678  5.471   1.00 13.60 ? 250 THR A CB  1 
ATOM   376 O OG1 . THR A 1 49 ? 5.843   -3.589  6.724   1.00 16.99 ? 250 THR A OG1 1 
ATOM   377 C CG2 . THR A 1 49 ? 7.244   -2.401  5.177   1.00 14.78 ? 250 THR A CG2 1 
ATOM   378 N N   . GLY A 1 50 ? 6.160   -2.892  2.299   1.00 11.62 ? 251 GLY A N   1 
ATOM   379 C CA  . GLY A 1 50 ? 6.821   -2.833  1.005   1.00 11.20 ? 251 GLY A CA  1 
ATOM   380 C C   . GLY A 1 50 ? 6.226   -1.767  0.137   1.00 11.46 ? 251 GLY A C   1 
ATOM   381 O O   . GLY A 1 50 ? 5.497   -0.877  0.611   1.00 11.62 ? 251 GLY A O   1 
ATOM   382 N N   . MET A 1 51 ? 6.515   -1.881  -1.150  1.00 12.15 ? 252 MET A N   1 
ATOM   383 C CA  . MET A 1 51 ? 6.078   -0.860  -2.109  1.00 11.88 ? 252 MET A CA  1 
ATOM   384 C C   . MET A 1 51 ? 4.631   -1.096  -2.562  1.00 12.10 ? 252 MET A C   1 
ATOM   385 O O   . MET A 1 51 ? 4.234   -2.251  -2.805  1.00 11.99 ? 252 MET A O   1 
ATOM   386 C CB  . MET A 1 51 ? 6.962   -0.900  -3.330  1.00 13.41 ? 252 MET A CB  1 
ATOM   387 C CG  . MET A 1 51 ? 8.422   -0.648  -3.005  1.00 11.52 ? 252 MET A CG  1 
ATOM   388 S SD  . MET A 1 51 ? 9.464   -0.758  -4.451  1.00 19.62 ? 252 MET A SD  1 
ATOM   389 C CE  . MET A 1 51 ? 9.028   0.713   -5.347  1.00 21.77 ? 252 MET A CE  1 
ATOM   390 N N   . LEU A 1 52 ? 3.871   -0.033  -2.694  1.00 12.71 ? 253 LEU A N   1 
ATOM   391 C CA  . LEU A 1 52 ? 2.499   -0.134  -3.162  1.00 12.39 ? 253 LEU A CA  1 
ATOM   392 C C   . LEU A 1 52 ? 2.193   0.989   -4.154  1.00 12.09 ? 253 LEU A C   1 
ATOM   393 O O   . LEU A 1 52 ? 2.711   2.136   -4.035  1.00 11.61 ? 253 LEU A O   1 
ATOM   394 C CB  . LEU A 1 52 ? 1.527   -0.013  -1.997  1.00 14.51 ? 253 LEU A CB  1 
ATOM   395 C CG  . LEU A 1 52 ? 1.666   1.175   -1.049  1.00 15.43 ? 253 LEU A CG  1 
ATOM   396 C CD1 . LEU A 1 52 ? 0.318   1.823   -0.744  1.00 19.04 ? 253 LEU A CD1 1 
ATOM   397 C CD2 . LEU A 1 52 ? 2.350   0.873   0.256   1.00 17.42 ? 253 LEU A CD2 1 
ATOM   398 N N   . PRO A 1 53 ? 1.330   0.693   -5.159  1.00 12.55 ? 254 PRO A N   1 
ATOM   399 C CA  . PRO A 1 53 ? 1.011   1.676   -6.163  1.00 11.87 ? 254 PRO A CA  1 
ATOM   400 C C   . PRO A 1 53 ? 0.047   2.713   -5.634  1.00 11.76 ? 254 PRO A C   1 
ATOM   401 O O   . PRO A 1 53 ? -0.993  2.356   -5.072  1.00 12.64 ? 254 PRO A O   1 
ATOM   402 C CB  . PRO A 1 53 ? 0.375   0.836   -7.280  1.00 12.08 ? 254 PRO A CB  1 
ATOM   403 C CG  . PRO A 1 53 ? -0.142  -0.396  -6.611  1.00 12.74 ? 254 PRO A CG  1 
ATOM   404 C CD  . PRO A 1 53 ? 0.719   -0.625  -5.424  1.00 12.65 ? 254 PRO A CD  1 
ATOM   405 N N   . ALA A 1 54 ? 0.394   3.985   -5.809  1.00 12.73 ? 255 ALA A N   1 
ATOM   406 C CA  . ALA A 1 54 ? -0.317  5.089   -5.191  1.00 12.50 ? 255 ALA A CA  1 
ATOM   407 C C   . ALA A 1 54 ? -1.747  5.224   -5.668  1.00 12.28 ? 255 ALA A C   1 
ATOM   408 O O   . ALA A 1 54 ? -2.618  5.665   -4.913  1.00 13.65 ? 255 ALA A O   1 
ATOM   409 C CB  . ALA A 1 54 ? 0.441   6.440   -5.377  1.00 13.55 ? 255 ALA A CB  1 
ATOM   410 N N   A ASN A 1 55 ? -2.010  4.816   -6.903  0.50 12.10 ? 256 ASN A N   1 
ATOM   411 N N   B ASN A 1 55 ? -2.002  4.825   -6.907  0.50 12.18 ? 256 ASN A N   1 
ATOM   412 C CA  A ASN A 1 55 ? -3.352  4.929   -7.459  0.50 12.84 ? 256 ASN A CA  1 
ATOM   413 C CA  B ASN A 1 55 ? -3.341  4.949   -7.464  0.50 12.92 ? 256 ASN A CA  1 
ATOM   414 C C   A ASN A 1 55 ? -4.359  3.979   -6.835  0.50 12.92 ? 256 ASN A C   1 
ATOM   415 C C   B ASN A 1 55 ? -4.315  3.864   -6.990  0.50 12.94 ? 256 ASN A C   1 
ATOM   416 O O   A ASN A 1 55 ? -5.565  4.147   -7.032  0.50 13.16 ? 256 ASN A O   1 
ATOM   417 O O   B ASN A 1 55 ? -5.450  3.820   -7.443  0.50 12.64 ? 256 ASN A O   1 
ATOM   418 C CB  A ASN A 1 55 ? -3.313  4.694   -8.964  0.50 13.11 ? 256 ASN A CB  1 
ATOM   419 C CB  B ASN A 1 55 ? -3.296  5.038   -9.001  0.50 13.40 ? 256 ASN A CB  1 
ATOM   420 C CG  A ASN A 1 55 ? -2.573  5.781   -9.697  0.50 14.32 ? 256 ASN A CG  1 
ATOM   421 C CG  B ASN A 1 55 ? -2.510  3.904   -9.663  0.50 14.71 ? 256 ASN A CG  1 
ATOM   422 O OD1 A ASN A 1 55 ? -2.390  6.878   -9.182  0.50 17.06 ? 256 ASN A OD1 1 
ATOM   423 O OD1 B ASN A 1 55 ? -1.591  3.317   -9.077  0.50 16.91 ? 256 ASN A OD1 1 
ATOM   424 N ND2 A ASN A 1 55 ? -2.133  5.476   -10.901 0.50 16.04 ? 256 ASN A ND2 1 
ATOM   425 N ND2 B ASN A 1 55 ? -2.858  3.609   -10.909 0.50 17.82 ? 256 ASN A ND2 1 
ATOM   426 N N   . TYR A 1 56 ? -3.867  2.992   -6.093  1.00 11.75 ? 257 TYR A N   1 
ATOM   427 C CA  . TYR A 1 56 ? -4.708  1.976   -5.473  1.00 12.62 ? 257 TYR A CA  1 
ATOM   428 C C   . TYR A 1 56 ? -5.147  2.340   -4.055  1.00 12.56 ? 257 TYR A C   1 
ATOM   429 O O   . TYR A 1 56 ? -5.854  1.552   -3.457  1.00 13.49 ? 257 TYR A O   1 
ATOM   430 C CB  . TYR A 1 56 ? -4.004  0.630   -5.479  1.00 13.70 ? 257 TYR A CB  1 
ATOM   431 C CG  . TYR A 1 56 ? -4.008  -0.043  -6.803  1.00 14.74 ? 257 TYR A CG  1 
ATOM   432 C CD1 . TYR A 1 56 ? -3.324  0.494   -7.872  1.00 14.76 ? 257 TYR A CD1 1 
ATOM   433 C CD2 . TYR A 1 56 ? -4.660  -1.270  -6.983  1.00 13.42 ? 257 TYR A CD2 1 
ATOM   434 C CE1 . TYR A 1 56 ? -3.323  -0.153  -9.118  1.00 15.62 ? 257 TYR A CE1 1 
ATOM   435 C CE2 . TYR A 1 56 ? -4.656  -1.914  -8.220  1.00 14.47 ? 257 TYR A CE2 1 
ATOM   436 C CZ  . TYR A 1 56 ? -3.991  -1.349  -9.244  1.00 14.25 ? 257 TYR A CZ  1 
ATOM   437 O OH  . TYR A 1 56 ? -3.991  -2.019  -10.451 1.00 16.60 ? 257 TYR A OH  1 
ATOM   438 N N   . VAL A 1 57 ? -4.761  3.504   -3.532  1.00 13.03 ? 258 VAL A N   1 
ATOM   439 C CA  . VAL A 1 57 ? -5.091  3.863   -2.152  1.00 13.02 ? 258 VAL A CA  1 
ATOM   440 C C   . VAL A 1 57 ? -5.510  5.311   -2.127  1.00 13.59 ? 258 VAL A C   1 
ATOM   441 O O   . VAL A 1 57 ? -5.280  6.085   -3.091  1.00 15.02 ? 258 VAL A O   1 
ATOM   442 C CB  . VAL A 1 57 ? -3.863  3.710   -1.179  1.00 12.98 ? 258 VAL A CB  1 
ATOM   443 C CG1 . VAL A 1 57 ? -3.331  2.277   -1.197  1.00 13.82 ? 258 VAL A CG1 1 
ATOM   444 C CG2 . VAL A 1 57 ? -2.780  4.712   -1.545  1.00 16.12 ? 258 VAL A CG2 1 
ATOM   445 N N   . GLU A 1 58 ? -6.113  5.706   -1.017  1.00 14.11 ? 259 GLU A N   1 
ATOM   446 C CA  . GLU A 1 58 ? -6.499  7.092   -0.805  1.00 15.18 ? 259 GLU A CA  1 
ATOM   447 C C   . GLU A 1 58 ? -6.195  7.480   0.613   1.00 14.40 ? 259 GLU A C   1 
ATOM   448 O O   . GLU A 1 58 ? -6.346  6.688   1.508   1.00 13.74 ? 259 GLU A O   1 
ATOM   449 C CB  . GLU A 1 58 ? -7.977  7.265   -1.097  1.00 15.19 ? 259 GLU A CB  1 
ATOM   450 C CG  . GLU A 1 58 ? -8.908  6.429   -0.270  1.00 17.88 ? 259 GLU A CG  1 
ATOM   451 C CD  . GLU A 1 58 ? -10.378 6.573   -0.685  1.00 20.14 ? 259 GLU A CD  1 
ATOM   452 O OE1 . GLU A 1 58 ? -10.718 7.536   -1.392  1.00 23.21 ? 259 GLU A OE1 1 
ATOM   453 O OE2 . GLU A 1 58 ? -11.178 5.686   -0.297  1.00 26.76 ? 259 GLU A OE2 1 
ATOM   454 N N   . ALA A 1 59 ? -5.783  8.720   0.830   1.00 15.10 ? 260 ALA A N   1 
ATOM   455 C CA  . ALA A 1 59 ? -5.499  9.194   2.169   1.00 16.05 ? 260 ALA A CA  1 
ATOM   456 C C   . ALA A 1 59 ? -6.797  9.247   2.948   1.00 17.12 ? 260 ALA A C   1 
ATOM   457 O O   . ALA A 1 59 ? -7.847  9.673   2.417   1.00 16.91 ? 260 ALA A O   1 
ATOM   458 C CB  . ALA A 1 59 ? -4.874  10.610  2.126   1.00 16.23 ? 260 ALA A CB  1 
ATOM   459 N N   . ILE A 1 60 ? -6.706  8.817   4.205   1.00 19.16 ? 261 ILE A N   1 
ATOM   460 C CA  . ILE A 1 60 ? -7.818  8.830   5.148   1.00 20.99 ? 261 ILE A CA  1 
ATOM   461 C C   . ILE A 1 60 ? -7.787  10.110  5.956   1.00 21.69 ? 261 ILE A C   1 
ATOM   462 O O   . ILE A 1 60 ? -6.734  10.740  6.143   1.00 22.47 ? 261 ILE A O   1 
ATOM   463 C CB  . ILE A 1 60 ? -7.742  7.661   6.190   1.00 20.63 ? 261 ILE A CB  1 
ATOM   464 C CG1 . ILE A 1 60 ? -7.845  6.290   5.561   1.00 23.77 ? 261 ILE A CG1 1 
ATOM   465 C CG2 . ILE A 1 60 ? -8.853  7.818   7.255   1.00 21.39 ? 261 ILE A CG2 1 
ATOM   466 C CD1 . ILE A 1 60 ? -7.553  5.224   6.558   1.00 23.00 ? 261 ILE A CD1 1 
ATOM   467 O OXT . ILE A 1 60 ? -8.835  10.505  6.436   1.00 22.56 ? 261 ILE A OXT 1 
HETATM 468 O O   . HOH B 2 .  ? -5.062  -3.564  6.657   1.00 13.57 ? 1   HOH A O   1 
HETATM 469 O O   . HOH B 2 .  ? -3.133  -6.826  -8.815  1.00 22.77 ? 2   HOH A O   1 
HETATM 470 O O   . HOH B 2 .  ? 1.812   -11.608 6.574   1.00 16.33 ? 3   HOH A O   1 
HETATM 471 O O   . HOH B 2 .  ? 6.522   -7.631  0.853   1.00 18.11 ? 4   HOH A O   1 
HETATM 472 O O   . HOH B 2 .  ? 1.063   -11.661 -6.122  1.00 17.89 ? 5   HOH A O   1 
HETATM 473 O O   . HOH B 2 .  ? -0.242  -11.871 -3.893  1.00 23.69 ? 6   HOH A O   1 
HETATM 474 O O   . HOH B 2 .  ? -13.549 0.907   -0.946  1.00 24.84 ? 8   HOH A O   1 
HETATM 475 O O   . HOH B 2 .  ? 2.095   11.604  -7.283  1.00 28.72 ? 10  HOH A O   1 
HETATM 476 O O   . HOH B 2 .  ? 5.654   -9.440  -2.226  1.00 22.96 ? 11  HOH A O   1 
HETATM 477 O O   . HOH B 2 .  ? 6.968   -3.788  9.234   1.00 22.55 ? 12  HOH A O   1 
HETATM 478 O O   . HOH B 2 .  ? -13.194 -0.809  -4.989  1.00 21.44 ? 14  HOH A O   1 
HETATM 479 O O   . HOH B 2 .  ? 6.579   -7.731  4.255   1.00 26.36 ? 15  HOH A O   1 
HETATM 480 O O   . HOH B 2 .  ? 8.904   -11.014 -9.582  1.00 17.10 ? 16  HOH A O   1 
HETATM 481 O O   . HOH B 2 .  ? -11.635 1.837   0.597   1.00 23.89 ? 17  HOH A O   1 
HETATM 482 O O   . HOH B 2 .  ? -8.730  -4.834  6.800   1.00 19.21 ? 21  HOH A O   1 
HETATM 483 O O   . HOH B 2 .  ? -0.453  -8.554  2.333   1.00 24.67 ? 22  HOH A O   1 
HETATM 484 O O   . HOH B 2 .  ? 0.350   5.687   9.907   1.00 27.24 ? 23  HOH A O   1 
HETATM 485 O O   . HOH B 2 .  ? -11.540 -7.520  -1.927  1.00 28.74 ? 24  HOH A O   1 
HETATM 486 O O   . HOH B 2 .  ? -4.822  -10.176 10.633  1.00 22.10 ? 27  HOH A O   1 
HETATM 487 O O   . HOH B 2 .  ? -7.844  -4.180  -8.525  1.00 28.53 ? 28  HOH A O   1 
HETATM 488 O O   . HOH B 2 .  ? 2.755   -10.044 -1.338  1.00 26.06 ? 29  HOH A O   1 
HETATM 489 O O   . HOH B 2 .  ? 7.103   -9.417  -11.438 1.00 25.65 ? 31  HOH A O   1 
HETATM 490 O O   . HOH B 2 .  ? -13.258 -5.603  -3.988  1.00 36.68 ? 32  HOH A O   1 
HETATM 491 O O   . HOH B 2 .  ? 3.960   7.952   7.644   1.00 31.71 ? 34  HOH A O   1 
HETATM 492 O O   . HOH B 2 .  ? -4.470  -4.921  -10.249 1.00 33.34 ? 35  HOH A O   1 
HETATM 493 O O   . HOH B 2 .  ? 2.916   13.175  -12.065 1.00 34.49 ? 37  HOH A O   1 
HETATM 494 O O   . HOH B 2 .  ? 1.838   3.255   -9.792  1.00 34.99 ? 41  HOH A O   1 
HETATM 495 O O   . HOH B 2 .  ? 9.314   3.205   -7.347  1.00 39.08 ? 42  HOH A O   1 
HETATM 496 O O   . HOH B 2 .  ? -4.981  10.186  -1.433  1.00 29.86 ? 48  HOH A O   1 
HETATM 497 O O   . HOH B 2 .  ? 3.215   8.844   -4.353  1.00 16.28 ? 52  HOH A O   1 
HETATM 498 O O   . HOH B 2 .  ? 11.411  4.112   3.070   1.00 44.22 ? 53  HOH A O   1 
HETATM 499 O O   . HOH B 2 .  ? -5.436  -8.822  -3.332  1.00 32.57 ? 54  HOH A O   1 
HETATM 500 O O   . HOH B 2 .  ? -0.127  -7.399  -9.758  1.00 32.57 ? 55  HOH A O   1 
HETATM 501 O O   . HOH B 2 .  ? 8.429   1.655   -3.147  1.00 42.05 ? 56  HOH A O   1 
HETATM 502 O O   . HOH B 2 .  ? 0.774   -13.013 6.016   1.00 25.95 ? 57  HOH A O   1 
HETATM 503 O O   . HOH B 2 .  ? 0.315   4.599   -8.748  1.00 33.84 ? 58  HOH A O   1 
# 
